data_5RAK
#
_entry.id   5RAK
#
_cell.length_a   57.590
_cell.length_b   93.460
_cell.length_c   94.182
_cell.angle_alpha   90.000
_cell.angle_beta   107.940
_cell.angle_gamma   90.000
#
_symmetry.space_group_name_H-M   'P 1 21 1'
#
loop_
_entity.id
_entity.type
_entity.pdbx_description
1 polymer 'Lysine-specific demethylase 3B'
2 non-polymer 3-(pyridin-3-yl)aniline
3 non-polymer 'CHLORIDE ION'
4 non-polymer 'MANGANESE (II) ION'
5 water water
#
_entity_poly.entity_id   1
_entity_poly.type   'polypeptide(L)'
_entity_poly.pdbx_seq_one_letter_code
;MHHHHHHSSGVDLGTENLYFQSMTSHSWLCDGRLLCLHDPSNKNNWKIFRECWKQGQPVLVSGVHKKLKSELWKPEAFSQ
EFGDQDVDLVNCRNCAIISDVKVRDFWDGFEIICKRLRSEDGQPMVLKLKDWPPGEDFRDMMPTRFEDLMENLPLPEYTK
RDGRLNLASRLPSYFVRPDLGPKMYNAYGLITAEDRRVGTTNLHLDVSDAVNVMVYVGIPIGEGAHDEEVLKTIDEGDAD
EVTKERIHDHKEKPGALWHIYAAKDAEKIRELLRKVGEEQGQENPPDHDPIHDQSWYLDQTLRKRLYEEYGVQGWAIVQF
LGDAVFIPAGAPHQVHNLYSCIKVAEDFVSPEHVKHCFRLTQEFRHLSNTHT
;
_entity_poly.pdbx_strand_id   A,B
#
# COMPACT_ATOMS: atom_id res chain seq x y z
N SER A 22 -2.30 -27.93 43.15
CA SER A 22 -0.97 -28.40 42.64
C SER A 22 -0.60 -27.61 41.36
N MET A 23 0.69 -27.42 41.12
CA MET A 23 1.21 -26.77 39.88
C MET A 23 1.18 -27.80 38.74
N THR A 24 0.51 -27.44 37.63
CA THR A 24 0.21 -28.36 36.48
C THR A 24 0.67 -27.72 35.16
N SER A 25 0.90 -28.56 34.17
CA SER A 25 1.45 -28.13 32.86
C SER A 25 0.44 -27.18 32.14
N HIS A 26 -0.85 -27.50 32.19
CA HIS A 26 -1.91 -26.80 31.41
C HIS A 26 -3.31 -27.10 31.93
N SER A 27 -4.29 -26.40 31.37
CA SER A 27 -5.74 -26.57 31.60
C SER A 27 -6.45 -26.08 30.32
N TRP A 28 -7.77 -26.15 30.37
CA TRP A 28 -8.62 -25.80 29.19
C TRP A 28 -9.56 -24.64 29.56
N LEU A 29 -9.83 -23.80 28.58
CA LEU A 29 -10.92 -22.80 28.64
C LEU A 29 -11.83 -23.02 27.44
N CYS A 30 -12.89 -22.20 27.29
CA CYS A 30 -13.84 -22.30 26.14
C CYS A 30 -14.37 -23.74 26.03
N ASP A 31 -14.69 -24.35 27.16
CA ASP A 31 -15.33 -25.69 27.24
C ASP A 31 -14.44 -26.76 26.61
N GLY A 32 -13.12 -26.64 26.75
CA GLY A 32 -12.17 -27.59 26.12
C GLY A 32 -11.55 -27.14 24.81
N ARG A 33 -12.06 -26.06 24.20
CA ARG A 33 -11.62 -25.64 22.84
C ARG A 33 -10.38 -24.72 22.86
N LEU A 34 -9.94 -24.24 24.02
CA LEU A 34 -8.77 -23.31 24.14
C LEU A 34 -7.75 -23.90 25.12
N LEU A 35 -6.54 -24.22 24.62
CA LEU A 35 -5.40 -24.59 25.48
C LEU A 35 -4.95 -23.39 26.34
N CYS A 36 -4.73 -23.60 27.65
N CYS A 36 -4.67 -23.63 27.63
CA CYS A 36 -4.07 -22.64 28.58
CA CYS A 36 -4.06 -22.65 28.57
C CYS A 36 -2.81 -23.24 29.19
C CYS A 36 -2.79 -23.24 29.19
N LEU A 37 -1.63 -22.81 28.69
CA LEU A 37 -0.32 -23.25 29.25
C LEU A 37 -0.02 -22.45 30.51
N HIS A 38 0.48 -23.11 31.56
CA HIS A 38 0.67 -22.46 32.89
C HIS A 38 2.09 -21.95 33.14
N ASP A 39 3.12 -22.52 32.53
CA ASP A 39 4.55 -22.19 32.78
C ASP A 39 5.10 -21.58 31.52
N PRO A 40 5.24 -20.23 31.45
CA PRO A 40 5.62 -19.60 30.20
C PRO A 40 6.98 -20.03 29.60
N SER A 41 7.94 -20.49 30.42
CA SER A 41 9.32 -20.74 29.96
C SER A 41 9.59 -22.24 29.87
N ASN A 42 8.60 -23.10 30.05
CA ASN A 42 8.83 -24.57 30.06
C ASN A 42 9.43 -25.05 28.72
N LYS A 43 10.56 -25.76 28.78
CA LYS A 43 11.26 -26.34 27.60
C LYS A 43 10.38 -27.31 26.80
N ASN A 44 9.37 -27.92 27.42
CA ASN A 44 8.47 -28.94 26.75
C ASN A 44 7.09 -28.36 26.34
N ASN A 45 6.86 -27.05 26.41
CA ASN A 45 5.55 -26.43 26.02
C ASN A 45 5.20 -26.83 24.56
N TRP A 46 6.19 -26.88 23.65
CA TRP A 46 5.95 -27.23 22.23
C TRP A 46 5.16 -28.55 22.10
N LYS A 47 5.43 -29.54 22.96
CA LYS A 47 4.78 -30.88 22.86
C LYS A 47 3.25 -30.76 23.00
N ILE A 48 2.77 -29.79 23.76
CA ILE A 48 1.31 -29.56 24.07
C ILE A 48 0.71 -28.57 23.01
N PHE A 49 1.43 -27.52 22.71
CA PHE A 49 1.09 -26.42 21.79
C PHE A 49 0.85 -26.87 20.36
N ARG A 50 1.73 -27.76 19.88
N ARG A 50 1.73 -27.71 19.83
CA ARG A 50 1.95 -27.99 18.42
CA ARG A 50 1.82 -27.79 18.35
C ARG A 50 0.68 -28.53 17.75
C ARG A 50 0.58 -28.46 17.75
N GLU A 51 -0.06 -29.42 18.41
CA GLU A 51 -1.27 -30.04 17.81
C GLU A 51 -2.44 -29.03 17.78
N CYS A 52 -2.60 -28.24 18.83
CA CYS A 52 -3.66 -27.20 18.88
C CYS A 52 -3.39 -26.17 17.77
N TRP A 53 -2.13 -25.78 17.62
CA TRP A 53 -1.72 -24.74 16.63
C TRP A 53 -1.93 -25.23 15.20
N LYS A 54 -1.64 -26.52 14.93
CA LYS A 54 -1.78 -27.12 13.59
C LYS A 54 -3.24 -27.08 13.17
N GLN A 55 -4.18 -27.21 14.13
CA GLN A 55 -5.64 -27.22 13.92
C GLN A 55 -6.21 -25.81 13.76
N GLY A 56 -5.38 -24.76 13.83
CA GLY A 56 -5.84 -23.38 13.58
C GLY A 56 -6.49 -22.73 14.80
N GLN A 57 -6.27 -23.28 15.99
CA GLN A 57 -6.79 -22.69 17.28
C GLN A 57 -5.85 -21.61 17.83
N PRO A 58 -6.40 -20.54 18.43
CA PRO A 58 -5.59 -19.68 19.30
C PRO A 58 -5.18 -20.48 20.52
N VAL A 59 -4.18 -19.96 21.28
CA VAL A 59 -3.63 -20.55 22.53
C VAL A 59 -3.39 -19.41 23.53
N LEU A 60 -3.67 -19.68 24.80
CA LEU A 60 -3.35 -18.73 25.89
C LEU A 60 -2.20 -19.29 26.73
N VAL A 61 -1.23 -18.41 27.08
CA VAL A 61 -0.13 -18.79 28.02
C VAL A 61 -0.20 -17.80 29.20
N SER A 62 -0.33 -18.28 30.44
CA SER A 62 -0.41 -17.35 31.60
C SER A 62 0.96 -17.18 32.30
N GLY A 63 1.13 -16.11 33.10
CA GLY A 63 2.29 -16.01 34.02
C GLY A 63 3.42 -15.16 33.47
N VAL A 64 3.33 -14.57 32.27
CA VAL A 64 4.49 -13.87 31.62
C VAL A 64 4.91 -12.65 32.47
N HIS A 65 3.97 -12.04 33.20
CA HIS A 65 4.26 -10.81 34.02
C HIS A 65 5.29 -11.13 35.10
N LYS A 66 5.32 -12.37 35.61
CA LYS A 66 6.27 -12.82 36.67
C LYS A 66 7.70 -12.95 36.09
N LYS A 67 7.86 -12.97 34.78
CA LYS A 67 9.18 -13.09 34.11
C LYS A 67 9.76 -11.71 33.75
N LEU A 68 8.94 -10.64 33.72
CA LEU A 68 9.35 -9.28 33.28
C LEU A 68 9.87 -8.44 34.46
N LYS A 69 10.58 -7.37 34.10
CA LYS A 69 11.04 -6.29 35.02
C LYS A 69 9.88 -5.29 35.16
N SER A 70 9.07 -5.46 36.20
CA SER A 70 7.77 -4.77 36.40
C SER A 70 7.94 -3.24 36.34
N GLU A 71 9.10 -2.70 36.76
CA GLU A 71 9.33 -1.23 36.76
C GLU A 71 9.39 -0.64 35.34
N LEU A 72 9.70 -1.43 34.29
CA LEU A 72 9.82 -0.96 32.89
C LEU A 72 8.44 -0.80 32.24
N TRP A 73 7.38 -1.37 32.82
CA TRP A 73 6.06 -1.47 32.11
C TRP A 73 4.96 -0.65 32.84
N LYS A 74 5.30 0.38 33.58
CA LYS A 74 4.30 1.21 34.33
C LYS A 74 3.99 2.45 33.50
N PRO A 75 2.74 2.93 33.56
CA PRO A 75 2.33 4.16 32.88
C PRO A 75 3.12 5.41 33.33
N GLU A 76 3.45 5.55 34.61
CA GLU A 76 4.24 6.71 35.16
C GLU A 76 5.63 6.78 34.48
N ALA A 77 6.27 5.63 34.23
CA ALA A 77 7.61 5.59 33.59
C ALA A 77 7.51 6.07 32.14
N PHE A 78 6.49 5.62 31.38
CA PHE A 78 6.35 6.04 29.97
C PHE A 78 6.18 7.57 29.94
N SER A 79 5.36 8.11 30.83
CA SER A 79 5.11 9.56 30.92
C SER A 79 6.42 10.32 31.21
N GLN A 80 7.17 9.90 32.23
CA GLN A 80 8.42 10.56 32.68
C GLN A 80 9.45 10.53 31.55
N GLU A 81 9.59 9.40 30.85
CA GLU A 81 10.65 9.18 29.85
C GLU A 81 10.33 9.80 28.48
N PHE A 82 9.07 9.78 28.02
CA PHE A 82 8.64 10.05 26.61
C PHE A 82 7.58 11.15 26.52
N GLY A 83 7.21 11.79 27.66
CA GLY A 83 6.01 12.63 27.80
C GLY A 83 5.94 13.81 26.84
N ASP A 84 7.10 14.34 26.41
CA ASP A 84 7.18 15.51 25.49
C ASP A 84 6.96 15.16 24.02
N GLN A 85 6.90 13.88 23.63
CA GLN A 85 6.63 13.53 22.22
C GLN A 85 5.25 13.98 21.77
N ASP A 86 5.14 14.38 20.50
CA ASP A 86 3.88 14.73 19.80
C ASP A 86 3.18 13.48 19.23
N VAL A 87 1.88 13.35 19.49
CA VAL A 87 1.08 12.15 19.11
C VAL A 87 -0.35 12.54 18.79
N ASP A 88 -1.06 11.62 18.11
CA ASP A 88 -2.53 11.65 17.95
C ASP A 88 -3.16 10.56 18.82
N LEU A 89 -4.37 10.83 19.34
CA LEU A 89 -5.22 9.89 20.10
C LEU A 89 -6.48 9.64 19.30
N VAL A 90 -7.21 8.60 19.67
CA VAL A 90 -8.56 8.30 19.11
C VAL A 90 -9.57 8.21 20.24
N ASN A 91 -10.72 8.86 20.07
CA ASN A 91 -11.86 8.74 21.00
C ASN A 91 -12.56 7.40 20.67
N CYS A 92 -12.46 6.39 21.55
CA CYS A 92 -12.99 5.03 21.25
C CYS A 92 -14.50 5.05 21.02
N ARG A 93 -15.23 5.98 21.63
CA ARG A 93 -16.73 6.06 21.58
C ARG A 93 -17.22 6.49 20.18
N ASN A 94 -16.50 7.33 19.42
CA ASN A 94 -16.96 7.89 18.13
C ASN A 94 -15.85 7.84 17.06
N CYS A 95 -14.66 7.28 17.35
CA CYS A 95 -13.50 7.21 16.42
C CYS A 95 -13.00 8.60 15.96
N ALA A 96 -13.36 9.68 16.63
CA ALA A 96 -12.79 11.04 16.37
C ALA A 96 -11.29 11.04 16.68
N ILE A 97 -10.49 11.68 15.83
CA ILE A 97 -9.03 11.86 16.05
C ILE A 97 -8.76 13.14 16.87
N ILE A 98 -8.05 13.01 17.98
CA ILE A 98 -7.54 14.17 18.76
C ILE A 98 -6.10 14.40 18.30
N SER A 99 -5.90 15.43 17.47
CA SER A 99 -4.62 15.70 16.73
C SER A 99 -3.60 16.50 17.55
N ASP A 100 -2.34 16.11 17.46
CA ASP A 100 -1.15 16.91 17.87
C ASP A 100 -1.27 17.28 19.35
N VAL A 101 -1.36 16.27 20.22
CA VAL A 101 -1.24 16.47 21.68
C VAL A 101 0.04 15.80 22.16
N LYS A 102 0.34 15.91 23.44
CA LYS A 102 1.54 15.31 24.05
C LYS A 102 1.25 13.90 24.54
N VAL A 103 2.26 13.06 24.45
CA VAL A 103 2.16 11.66 24.98
C VAL A 103 1.81 11.69 26.47
N ARG A 104 2.27 12.70 27.23
CA ARG A 104 1.92 12.76 28.68
C ARG A 104 0.41 12.97 28.88
N ASP A 105 -0.30 13.61 27.96
CA ASP A 105 -1.75 13.91 28.13
C ASP A 105 -2.49 12.55 28.13
N PHE A 106 -1.96 11.53 27.43
CA PHE A 106 -2.55 10.16 27.45
C PHE A 106 -2.16 9.47 28.75
N TRP A 107 -0.86 9.35 29.01
CA TRP A 107 -0.36 8.53 30.15
C TRP A 107 -0.83 9.05 31.53
N ASP A 108 -0.82 10.36 31.78
CA ASP A 108 -1.18 10.92 33.12
C ASP A 108 -2.65 10.61 33.49
N GLY A 109 -3.57 10.38 32.52
CA GLY A 109 -4.96 9.99 32.75
C GLY A 109 -5.25 8.48 32.66
N PHE A 110 -4.22 7.66 32.52
CA PHE A 110 -4.39 6.18 32.32
C PHE A 110 -5.20 5.56 33.46
N GLU A 111 -4.88 5.86 34.72
CA GLU A 111 -5.58 5.30 35.92
C GLU A 111 -6.23 6.40 36.75
N ILE A 112 -5.83 7.67 36.63
CA ILE A 112 -6.42 8.76 37.48
C ILE A 112 -7.48 9.48 36.63
N ILE A 113 -8.75 9.20 36.86
CA ILE A 113 -9.85 9.65 35.96
C ILE A 113 -9.95 11.20 35.98
N CYS A 114 -9.66 11.88 37.10
CA CYS A 114 -9.78 13.38 37.17
C CYS A 114 -8.69 14.06 36.34
N LYS A 115 -7.69 13.34 35.79
CA LYS A 115 -6.67 13.98 34.93
C LYS A 115 -7.02 13.76 33.44
N ARG A 116 -8.01 12.95 33.09
CA ARG A 116 -8.30 12.65 31.65
C ARG A 116 -8.85 13.82 30.86
N LEU A 117 -8.43 13.95 29.61
CA LEU A 117 -9.07 14.87 28.61
C LEU A 117 -10.58 14.60 28.57
N ARG A 118 -11.38 15.66 28.45
CA ARG A 118 -12.87 15.58 28.48
C ARG A 118 -13.42 15.98 27.11
N SER A 119 -14.49 15.32 26.66
CA SER A 119 -15.26 15.77 25.47
C SER A 119 -16.09 16.99 25.89
N GLU A 120 -16.71 17.67 24.92
CA GLU A 120 -17.36 19.00 25.10
C GLU A 120 -18.53 18.90 26.09
N ASP A 121 -19.03 17.69 26.35
CA ASP A 121 -20.13 17.41 27.32
C ASP A 121 -19.58 17.51 28.76
N GLY A 122 -18.26 17.47 28.90
CA GLY A 122 -17.56 17.50 30.19
C GLY A 122 -17.33 16.10 30.78
N GLN A 123 -17.51 15.01 30.02
CA GLN A 123 -17.25 13.63 30.54
C GLN A 123 -15.80 13.26 30.22
N PRO A 124 -15.14 12.46 31.07
CA PRO A 124 -13.82 11.97 30.70
C PRO A 124 -13.89 11.00 29.50
N MET A 125 -12.97 11.17 28.54
CA MET A 125 -12.98 10.34 27.31
C MET A 125 -12.28 8.99 27.56
N VAL A 126 -12.74 7.99 26.79
CA VAL A 126 -12.07 6.66 26.64
C VAL A 126 -11.17 6.78 25.43
N LEU A 127 -9.85 6.85 25.63
CA LEU A 127 -8.86 7.17 24.57
C LEU A 127 -7.96 5.96 24.25
N LYS A 128 -7.46 5.97 23.02
CA LYS A 128 -6.45 5.03 22.49
C LYS A 128 -5.25 5.88 22.03
N LEU A 129 -4.04 5.48 22.40
CA LEU A 129 -2.79 6.09 21.88
C LEU A 129 -2.46 5.50 20.52
N LYS A 130 -2.51 6.33 19.46
CA LYS A 130 -2.35 5.84 18.06
C LYS A 130 -0.87 5.77 17.63
N ASP A 131 -0.47 4.65 17.02
CA ASP A 131 0.84 4.50 16.32
C ASP A 131 2.01 4.98 17.20
N TRP A 132 2.17 4.39 18.39
CA TRP A 132 3.24 4.81 19.35
C TRP A 132 3.82 3.58 20.04
N PRO A 133 5.16 3.42 20.07
CA PRO A 133 6.11 4.16 19.24
C PRO A 133 5.79 3.99 17.76
N PRO A 134 6.16 4.99 16.93
CA PRO A 134 5.70 5.03 15.55
C PRO A 134 6.42 4.01 14.65
N GLY A 135 5.67 3.42 13.71
CA GLY A 135 6.15 2.39 12.76
C GLY A 135 7.01 1.34 13.45
N GLU A 136 8.29 1.29 13.09
CA GLU A 136 9.27 0.24 13.51
C GLU A 136 10.27 0.78 14.54
N ASP A 137 10.01 1.93 15.18
CA ASP A 137 10.96 2.63 16.09
C ASP A 137 11.02 2.05 17.51
N PHE A 138 10.21 1.04 17.88
CA PHE A 138 10.19 0.47 19.25
C PHE A 138 11.60 0.14 19.75
N ARG A 139 12.40 -0.63 19.00
CA ARG A 139 13.72 -1.11 19.47
C ARG A 139 14.68 0.08 19.68
N ASP A 140 14.68 1.05 18.77
CA ASP A 140 15.54 2.26 18.85
C ASP A 140 15.12 3.13 20.05
N MET A 141 13.81 3.32 20.25
CA MET A 141 13.30 4.26 21.29
C MET A 141 13.45 3.59 22.65
N MET A 142 13.22 2.27 22.73
CA MET A 142 13.10 1.56 24.03
C MET A 142 13.93 0.26 24.02
N PRO A 143 15.27 0.32 23.97
CA PRO A 143 16.08 -0.90 23.88
C PRO A 143 16.04 -1.84 25.10
N THR A 144 15.87 -1.34 26.34
CA THR A 144 15.81 -2.17 27.57
C THR A 144 14.46 -2.91 27.59
N ARG A 145 13.37 -2.25 27.20
CA ARG A 145 12.02 -2.90 27.06
C ARG A 145 12.05 -3.99 25.97
N PHE A 146 12.69 -3.70 24.84
CA PHE A 146 12.79 -4.66 23.71
C PHE A 146 13.46 -5.95 24.21
N GLU A 147 14.60 -5.82 24.90
CA GLU A 147 15.33 -6.99 25.42
C GLU A 147 14.48 -7.75 26.46
N ASP A 148 13.82 -7.06 27.39
CA ASP A 148 13.00 -7.67 28.46
C ASP A 148 11.84 -8.47 27.82
N LEU A 149 11.21 -7.92 26.79
CA LEU A 149 10.08 -8.63 26.11
C LEU A 149 10.67 -9.85 25.38
N MET A 150 11.64 -9.65 24.51
CA MET A 150 12.08 -10.72 23.56
C MET A 150 12.68 -11.92 24.31
N GLU A 151 13.36 -11.71 25.43
CA GLU A 151 13.96 -12.79 26.24
C GLU A 151 12.91 -13.58 27.02
N ASN A 152 11.67 -13.11 27.14
CA ASN A 152 10.66 -13.74 28.03
C ASN A 152 9.40 -14.17 27.22
N LEU A 153 9.41 -14.05 25.91
CA LEU A 153 8.28 -14.54 25.07
C LEU A 153 8.17 -16.04 25.22
N PRO A 154 6.96 -16.60 25.41
CA PRO A 154 6.77 -18.05 25.34
C PRO A 154 6.99 -18.63 23.93
N LEU A 155 7.21 -19.96 23.84
CA LEU A 155 7.35 -20.73 22.56
C LEU A 155 8.45 -20.06 21.72
N PRO A 156 9.65 -19.84 22.31
CA PRO A 156 10.69 -19.01 21.64
C PRO A 156 11.17 -19.53 20.28
N GLU A 157 11.06 -20.84 20.01
CA GLU A 157 11.45 -21.36 18.64
C GLU A 157 10.51 -20.80 17.56
N TYR A 158 9.26 -20.48 17.92
CA TYR A 158 8.27 -19.85 17.02
C TYR A 158 8.38 -18.30 17.11
N THR A 159 8.57 -17.69 18.28
CA THR A 159 8.31 -16.23 18.47
C THR A 159 9.57 -15.34 18.39
N LYS A 160 10.76 -15.87 18.63
CA LYS A 160 12.03 -15.04 18.49
C LYS A 160 12.32 -14.75 17.02
N ARG A 161 12.93 -13.58 16.74
CA ARG A 161 13.12 -13.09 15.35
C ARG A 161 13.88 -14.19 14.57
N ASP A 162 14.81 -14.87 15.24
CA ASP A 162 15.71 -15.93 14.70
C ASP A 162 15.33 -17.33 15.23
N GLY A 163 14.09 -17.56 15.66
CA GLY A 163 13.66 -18.91 16.08
C GLY A 163 13.72 -19.91 14.94
N ARG A 164 14.05 -21.14 15.28
CA ARG A 164 14.16 -22.26 14.29
C ARG A 164 12.84 -22.48 13.56
N LEU A 165 11.68 -22.29 14.20
CA LEU A 165 10.37 -22.43 13.52
C LEU A 165 9.74 -21.08 13.16
N ASN A 166 10.53 -19.99 13.07
CA ASN A 166 10.01 -18.70 12.59
C ASN A 166 10.57 -18.54 11.19
N LEU A 167 9.72 -18.59 10.16
CA LEU A 167 10.20 -18.47 8.76
C LEU A 167 10.31 -17.00 8.33
N ALA A 168 10.11 -16.01 9.20
CA ALA A 168 10.02 -14.61 8.73
C ALA A 168 11.28 -14.20 7.94
N SER A 169 12.47 -14.56 8.44
CA SER A 169 13.75 -14.13 7.81
C SER A 169 14.19 -15.07 6.70
N ARG A 170 13.40 -16.10 6.37
CA ARG A 170 13.86 -17.23 5.52
C ARG A 170 13.01 -17.29 4.24
N LEU A 171 12.08 -16.36 4.04
CA LEU A 171 11.14 -16.51 2.88
C LEU A 171 11.46 -15.51 1.77
N PRO A 172 11.22 -15.88 0.51
CA PRO A 172 11.39 -14.93 -0.60
C PRO A 172 10.16 -14.01 -0.73
N SER A 173 10.24 -13.05 -1.67
CA SER A 173 9.25 -11.98 -1.92
C SER A 173 7.89 -12.48 -2.36
N TYR A 174 7.77 -13.76 -2.73
CA TYR A 174 6.48 -14.45 -3.00
C TYR A 174 5.62 -14.51 -1.72
N PHE A 175 6.19 -14.20 -0.55
CA PHE A 175 5.46 -14.19 0.75
C PHE A 175 5.47 -12.76 1.33
N VAL A 176 4.33 -12.31 1.88
CA VAL A 176 4.26 -11.05 2.67
C VAL A 176 5.01 -11.29 3.98
N ARG A 177 6.04 -10.50 4.23
CA ARG A 177 6.92 -10.60 5.41
C ARG A 177 6.41 -9.61 6.44
N PRO A 178 6.36 -9.95 7.76
CA PRO A 178 5.92 -8.99 8.76
C PRO A 178 6.91 -7.83 8.91
N ASP A 179 6.44 -6.63 9.31
CA ASP A 179 7.31 -5.48 9.67
C ASP A 179 8.09 -5.92 10.91
N LEU A 180 9.21 -5.27 11.19
CA LEU A 180 9.99 -5.40 12.44
C LEU A 180 9.16 -4.79 13.59
N GLY A 181 8.98 -5.57 14.65
CA GLY A 181 8.10 -5.24 15.79
C GLY A 181 9.04 -5.06 16.97
N PRO A 182 8.54 -5.12 18.19
CA PRO A 182 7.12 -5.26 18.44
C PRO A 182 6.26 -4.00 18.24
N LYS A 183 4.95 -4.20 18.45
CA LYS A 183 3.86 -3.20 18.36
C LYS A 183 3.25 -3.01 19.75
N MET A 184 2.92 -1.78 20.16
CA MET A 184 2.19 -1.56 21.44
C MET A 184 0.74 -1.23 21.14
N TYR A 185 -0.13 -1.69 22.04
CA TYR A 185 -1.58 -1.44 22.07
C TYR A 185 -1.90 -0.82 23.44
N ASN A 186 -2.12 0.50 23.44
CA ASN A 186 -2.30 1.29 24.69
C ASN A 186 -3.66 2.00 24.66
N ALA A 187 -4.59 1.67 25.55
CA ALA A 187 -5.93 2.31 25.53
C ALA A 187 -6.60 2.20 26.89
N TYR A 188 -7.50 3.16 27.18
CA TYR A 188 -8.29 3.15 28.42
C TYR A 188 -9.34 2.01 28.35
N GLY A 189 -9.94 1.69 29.49
CA GLY A 189 -11.09 0.74 29.60
C GLY A 189 -12.38 1.39 29.16
N LEU A 190 -13.27 0.61 28.54
CA LEU A 190 -14.66 1.04 28.25
C LEU A 190 -15.46 0.94 29.56
N ILE A 191 -16.37 1.88 29.78
CA ILE A 191 -16.89 2.20 31.14
C ILE A 191 -18.39 1.86 31.26
N THR A 192 -19.23 2.45 30.42
CA THR A 192 -20.71 2.51 30.54
C THR A 192 -21.38 1.27 29.92
N ALA A 193 -22.69 1.07 30.21
CA ALA A 193 -23.60 0.12 29.51
C ALA A 193 -23.60 0.36 27.99
N GLU A 194 -23.66 1.62 27.54
CA GLU A 194 -23.56 2.02 26.12
C GLU A 194 -22.20 1.59 25.54
N ASP A 195 -21.14 1.61 26.36
CA ASP A 195 -19.76 1.28 25.91
C ASP A 195 -19.67 -0.24 25.60
N ARG A 196 -20.62 -1.07 26.04
CA ARG A 196 -20.55 -2.54 25.89
C ARG A 196 -20.54 -2.99 24.42
N ARG A 197 -21.15 -2.21 23.52
CA ARG A 197 -21.30 -2.52 22.07
C ARG A 197 -20.17 -1.91 21.23
N VAL A 198 -19.16 -1.29 21.84
CA VAL A 198 -18.08 -0.52 21.17
C VAL A 198 -16.81 -1.38 21.21
N GLY A 199 -15.98 -1.32 20.17
CA GLY A 199 -14.66 -2.01 20.18
C GLY A 199 -13.55 -1.06 20.60
N THR A 200 -12.54 -1.58 21.28
CA THR A 200 -11.25 -0.88 21.46
C THR A 200 -10.53 -0.97 20.12
N THR A 201 -10.40 -2.20 19.57
CA THR A 201 -9.93 -2.46 18.20
C THR A 201 -11.02 -3.27 17.48
N ASN A 202 -11.50 -2.75 16.36
CA ASN A 202 -12.57 -3.40 15.57
C ASN A 202 -12.07 -4.71 14.91
N LEU A 203 -13.04 -5.50 14.44
CA LEU A 203 -12.77 -6.80 13.73
C LEU A 203 -11.86 -6.61 12.53
N HIS A 204 -10.80 -7.42 12.44
CA HIS A 204 -9.76 -7.37 11.39
C HIS A 204 -9.02 -8.70 11.35
N LEU A 205 -8.10 -8.90 10.40
CA LEU A 205 -7.18 -10.05 10.38
C LEU A 205 -5.78 -9.57 9.98
N ASP A 206 -4.76 -10.38 10.31
CA ASP A 206 -3.30 -10.13 10.09
C ASP A 206 -2.83 -11.35 9.23
N VAL A 207 -2.02 -11.19 8.16
CA VAL A 207 -1.53 -12.33 7.33
C VAL A 207 -0.38 -13.11 7.99
N SER A 208 0.22 -12.55 9.05
N SER A 208 0.21 -12.55 9.05
CA SER A 208 1.24 -13.25 9.88
CA SER A 208 1.24 -13.23 9.88
C SER A 208 0.62 -13.71 11.20
C SER A 208 0.56 -13.76 11.16
N ASP A 209 1.21 -14.73 11.82
CA ASP A 209 0.91 -15.14 13.18
C ASP A 209 1.33 -14.01 14.12
N ALA A 210 0.81 -13.98 15.34
CA ALA A 210 1.31 -13.04 16.40
C ALA A 210 1.10 -13.55 17.81
N VAL A 211 1.93 -13.07 18.78
CA VAL A 211 1.73 -13.27 20.24
C VAL A 211 1.55 -11.87 20.87
N ASN A 212 0.43 -11.67 21.55
CA ASN A 212 0.01 -10.41 22.22
C ASN A 212 0.12 -10.61 23.74
N VAL A 213 1.00 -9.84 24.41
CA VAL A 213 1.26 -10.00 25.86
C VAL A 213 0.66 -8.82 26.67
N MET A 214 -0.16 -9.10 27.69
CA MET A 214 -0.73 -8.08 28.62
C MET A 214 0.33 -7.77 29.70
N VAL A 215 1.04 -6.63 29.55
CA VAL A 215 2.19 -6.34 30.49
C VAL A 215 1.73 -5.42 31.63
N TYR A 216 0.56 -4.79 31.58
CA TYR A 216 0.05 -3.91 32.70
C TYR A 216 -1.45 -3.72 32.58
N VAL A 217 -2.18 -3.84 33.69
CA VAL A 217 -3.62 -3.48 33.81
C VAL A 217 -3.80 -2.37 34.88
N GLY A 218 -4.40 -1.25 34.47
CA GLY A 218 -4.68 -0.11 35.36
C GLY A 218 -6.14 -0.11 35.75
N ILE A 219 -6.40 -0.32 37.04
CA ILE A 219 -7.78 -0.29 37.59
C ILE A 219 -7.97 1.04 38.29
N PRO A 220 -8.77 1.96 37.70
CA PRO A 220 -8.80 3.36 38.13
C PRO A 220 -9.31 3.66 39.53
N ILE A 221 -9.20 4.97 39.83
CA ILE A 221 -9.67 5.72 41.03
C ILE A 221 -10.21 7.10 40.57
N GLY A 222 -11.28 7.54 41.26
CA GLY A 222 -12.06 8.76 40.99
C GLY A 222 -13.51 8.40 40.85
N GLU A 223 -13.90 8.01 39.63
CA GLU A 223 -14.96 7.00 39.38
C GLU A 223 -14.33 5.62 39.62
N GLY A 224 -14.17 5.26 40.91
CA GLY A 224 -13.67 3.94 41.37
C GLY A 224 -14.74 3.22 42.17
N ALA A 225 -14.92 1.91 41.91
CA ALA A 225 -16.07 1.05 42.30
C ALA A 225 -16.88 0.69 41.04
N HIS A 226 -16.18 0.40 39.93
CA HIS A 226 -16.71 0.17 38.56
C HIS A 226 -16.70 -1.35 38.25
N ASP A 227 -16.87 -2.16 39.30
CA ASP A 227 -16.60 -3.62 39.34
C ASP A 227 -17.71 -4.40 38.62
N GLU A 228 -18.98 -3.97 38.71
CA GLU A 228 -20.17 -4.81 38.38
C GLU A 228 -20.50 -4.71 36.88
N GLU A 229 -20.29 -3.55 36.28
CA GLU A 229 -20.40 -3.40 34.80
C GLU A 229 -19.39 -4.32 34.08
N VAL A 230 -18.18 -4.48 34.62
CA VAL A 230 -17.12 -5.40 34.09
C VAL A 230 -17.63 -6.86 34.08
N LEU A 231 -18.30 -7.31 35.15
CA LEU A 231 -18.87 -8.69 35.24
C LEU A 231 -20.00 -8.93 34.22
N LYS A 232 -20.88 -7.94 34.05
N LYS A 232 -20.91 -7.95 34.06
CA LYS A 232 -21.99 -8.00 33.05
CA LYS A 232 -22.00 -7.97 33.05
C LYS A 232 -21.42 -8.04 31.62
C LYS A 232 -21.40 -8.08 31.64
N THR A 233 -20.31 -7.34 31.38
CA THR A 233 -19.64 -7.32 30.05
C THR A 233 -19.09 -8.73 29.71
N ILE A 234 -18.45 -9.37 30.67
CA ILE A 234 -17.84 -10.72 30.53
C ILE A 234 -18.95 -11.77 30.31
N ASP A 235 -20.05 -11.68 31.09
CA ASP A 235 -21.24 -12.58 30.95
C ASP A 235 -21.86 -12.47 29.54
N GLU A 236 -22.27 -11.28 29.14
CA GLU A 236 -22.87 -10.94 27.81
C GLU A 236 -21.87 -11.24 26.67
N GLY A 237 -20.56 -11.14 26.96
CA GLY A 237 -19.45 -11.53 26.06
C GLY A 237 -19.37 -13.02 25.80
N ASP A 238 -20.18 -13.84 26.51
CA ASP A 238 -20.32 -15.29 26.25
C ASP A 238 -19.10 -16.00 26.85
N ALA A 239 -18.42 -15.42 27.84
CA ALA A 239 -17.28 -16.06 28.53
C ALA A 239 -17.75 -17.38 29.19
N ASP A 240 -16.90 -18.40 29.17
CA ASP A 240 -17.27 -19.75 29.71
C ASP A 240 -17.21 -19.70 31.24
N GLU A 241 -17.82 -20.70 31.89
CA GLU A 241 -17.95 -20.73 33.38
C GLU A 241 -16.58 -20.83 34.05
N VAL A 242 -15.61 -21.55 33.49
CA VAL A 242 -14.28 -21.61 34.12
C VAL A 242 -13.58 -20.23 34.07
N THR A 243 -13.68 -19.52 32.96
CA THR A 243 -13.09 -18.16 32.85
C THR A 243 -13.66 -17.28 33.99
N LYS A 244 -14.93 -17.44 34.31
CA LYS A 244 -15.61 -16.62 35.37
C LYS A 244 -14.98 -16.92 36.73
N GLU A 245 -14.51 -18.15 36.97
CA GLU A 245 -13.82 -18.50 38.24
C GLU A 245 -12.49 -17.74 38.42
N ARG A 246 -11.69 -17.38 37.37
CA ARG A 246 -10.33 -16.72 37.61
C ARG A 246 -10.46 -15.38 38.36
N ILE A 247 -11.56 -14.67 38.15
CA ILE A 247 -11.96 -13.45 38.93
C ILE A 247 -12.33 -13.82 40.38
N HIS A 248 -13.45 -14.52 40.53
CA HIS A 248 -14.13 -14.73 41.83
C HIS A 248 -13.18 -15.51 42.76
N ASP A 249 -12.39 -16.46 42.22
CA ASP A 249 -11.60 -17.46 43.01
C ASP A 249 -10.20 -16.92 43.37
N HIS A 250 -9.36 -16.54 42.39
CA HIS A 250 -7.90 -16.25 42.58
C HIS A 250 -7.57 -14.75 42.54
N LYS A 251 -8.59 -13.90 42.37
CA LYS A 251 -8.52 -12.42 42.18
C LYS A 251 -7.30 -12.06 41.30
N GLU A 252 -7.30 -12.45 40.03
CA GLU A 252 -6.36 -11.86 39.02
C GLU A 252 -7.02 -10.64 38.38
N LYS A 253 -6.23 -9.70 37.84
CA LYS A 253 -6.74 -8.47 37.18
C LYS A 253 -7.08 -8.74 35.71
N PRO A 254 -8.37 -8.71 35.30
CA PRO A 254 -8.80 -8.88 33.91
C PRO A 254 -8.56 -7.61 33.11
N GLY A 255 -7.86 -7.72 31.97
CA GLY A 255 -7.55 -6.56 31.14
C GLY A 255 -8.56 -6.40 30.04
N ALA A 256 -8.71 -7.41 29.16
CA ALA A 256 -9.51 -7.20 27.92
C ALA A 256 -10.30 -8.45 27.52
N LEU A 257 -11.42 -8.21 26.83
CA LEU A 257 -12.29 -9.28 26.23
C LEU A 257 -12.03 -9.34 24.72
N TRP A 258 -11.58 -10.52 24.25
CA TRP A 258 -11.35 -10.83 22.82
C TRP A 258 -12.45 -11.74 22.28
N HIS A 259 -12.81 -11.55 21.01
CA HIS A 259 -13.42 -12.62 20.19
C HIS A 259 -12.49 -12.95 19.04
N ILE A 260 -12.17 -14.22 18.88
CA ILE A 260 -11.32 -14.70 17.75
C ILE A 260 -12.13 -15.78 16.98
N TYR A 261 -12.02 -15.77 15.65
CA TYR A 261 -12.71 -16.68 14.70
C TYR A 261 -11.66 -17.46 13.90
N ALA A 262 -11.94 -18.73 13.56
CA ALA A 262 -11.00 -19.50 12.69
C ALA A 262 -10.83 -18.82 11.34
N ALA A 263 -9.64 -18.88 10.76
CA ALA A 263 -9.32 -18.36 9.42
C ALA A 263 -10.29 -18.93 8.39
N LYS A 264 -10.67 -20.19 8.51
CA LYS A 264 -11.58 -20.85 7.51
C LYS A 264 -12.97 -20.19 7.50
N ASP A 265 -13.40 -19.45 8.52
CA ASP A 265 -14.74 -18.83 8.68
C ASP A 265 -14.75 -17.38 8.20
N ALA A 266 -13.62 -16.83 7.71
CA ALA A 266 -13.53 -15.39 7.38
C ALA A 266 -14.55 -14.98 6.29
N GLU A 267 -14.77 -15.83 5.28
CA GLU A 267 -15.70 -15.43 4.18
C GLU A 267 -17.14 -15.40 4.67
N LYS A 268 -17.58 -16.38 5.45
CA LYS A 268 -18.95 -16.40 6.02
C LYS A 268 -19.17 -15.14 6.85
N ILE A 269 -18.17 -14.71 7.64
CA ILE A 269 -18.23 -13.42 8.40
C ILE A 269 -18.41 -12.26 7.41
N ARG A 270 -17.65 -12.22 6.33
CA ARG A 270 -17.84 -11.15 5.32
C ARG A 270 -19.31 -11.17 4.77
N GLU A 271 -19.86 -12.34 4.52
CA GLU A 271 -21.23 -12.47 3.96
C GLU A 271 -22.23 -11.86 4.96
N LEU A 272 -22.12 -12.17 6.26
CA LEU A 272 -22.95 -11.58 7.34
C LEU A 272 -22.81 -10.06 7.34
N LEU A 273 -21.57 -9.52 7.33
CA LEU A 273 -21.39 -8.05 7.48
C LEU A 273 -21.87 -7.31 6.20
N ARG A 274 -21.71 -7.89 5.02
CA ARG A 274 -22.27 -7.32 3.74
C ARG A 274 -23.80 -7.15 3.91
N LYS A 275 -24.46 -8.15 4.46
CA LYS A 275 -25.93 -8.20 4.65
C LYS A 275 -26.37 -7.16 5.68
N VAL A 276 -25.71 -7.09 6.82
CA VAL A 276 -26.04 -6.07 7.84
C VAL A 276 -25.72 -4.67 7.30
N GLY A 277 -24.63 -4.46 6.55
CA GLY A 277 -24.32 -3.15 5.95
C GLY A 277 -25.50 -2.70 5.08
N GLU A 278 -26.05 -3.62 4.30
CA GLU A 278 -27.19 -3.35 3.36
C GLU A 278 -28.39 -2.97 4.22
N GLU A 279 -28.72 -3.77 5.24
CA GLU A 279 -29.87 -3.54 6.16
C GLU A 279 -29.78 -2.12 6.74
N GLN A 280 -28.59 -1.63 7.07
CA GLN A 280 -28.39 -0.31 7.74
C GLN A 280 -28.27 0.79 6.69
N GLY A 281 -28.51 0.49 5.42
CA GLY A 281 -28.52 1.49 4.35
C GLY A 281 -27.12 1.98 4.01
N GLN A 282 -26.08 1.17 4.21
CA GLN A 282 -24.77 1.41 3.52
C GLN A 282 -24.95 1.04 2.05
N GLU A 283 -24.17 1.64 1.16
CA GLU A 283 -24.26 1.41 -0.31
C GLU A 283 -22.87 0.95 -0.76
N ASN A 284 -22.70 -0.37 -0.88
CA ASN A 284 -21.38 -1.04 -0.98
C ASN A 284 -21.39 -1.98 -2.18
N PRO A 285 -20.34 -2.04 -3.03
CA PRO A 285 -20.27 -3.04 -4.09
C PRO A 285 -20.36 -4.45 -3.51
N PRO A 286 -20.77 -5.48 -4.30
CA PRO A 286 -21.08 -6.81 -3.75
C PRO A 286 -19.85 -7.61 -3.26
N ASP A 287 -18.65 -7.15 -3.65
CA ASP A 287 -17.35 -7.84 -3.46
C ASP A 287 -16.50 -7.14 -2.38
N HIS A 288 -16.99 -6.05 -1.79
CA HIS A 288 -16.14 -5.19 -0.90
C HIS A 288 -15.89 -5.94 0.42
N ASP A 289 -14.80 -5.61 1.10
CA ASP A 289 -14.26 -6.45 2.21
C ASP A 289 -14.48 -5.73 3.54
N PRO A 290 -15.57 -6.09 4.30
CA PRO A 290 -15.88 -5.46 5.59
C PRO A 290 -14.90 -5.83 6.71
N ILE A 291 -14.15 -6.94 6.58
CA ILE A 291 -13.08 -7.26 7.58
C ILE A 291 -11.89 -6.31 7.31
N HIS A 292 -11.43 -6.17 6.06
CA HIS A 292 -10.24 -5.32 5.76
C HIS A 292 -10.56 -3.87 6.15
N ASP A 293 -11.82 -3.45 5.99
CA ASP A 293 -12.29 -2.08 6.32
C ASP A 293 -12.11 -1.75 7.80
N GLN A 294 -12.10 -2.76 8.68
CA GLN A 294 -11.82 -2.58 10.14
C GLN A 294 -12.86 -1.62 10.75
N SER A 295 -14.11 -1.68 10.27
CA SER A 295 -15.18 -0.75 10.70
C SER A 295 -16.21 -1.42 11.61
N TRP A 296 -16.17 -2.74 11.83
CA TRP A 296 -17.24 -3.45 12.55
C TRP A 296 -16.78 -3.95 13.93
N TYR A 297 -17.65 -3.86 14.94
CA TYR A 297 -17.51 -4.60 16.22
C TYR A 297 -18.71 -5.53 16.36
N LEU A 298 -18.47 -6.84 16.50
CA LEU A 298 -19.56 -7.84 16.64
C LEU A 298 -20.03 -7.78 18.10
N ASP A 299 -21.18 -7.13 18.35
CA ASP A 299 -21.83 -7.08 19.67
C ASP A 299 -22.63 -8.38 19.92
N GLN A 300 -23.26 -8.54 21.08
CA GLN A 300 -23.95 -9.81 21.44
C GLN A 300 -24.96 -10.20 20.35
N THR A 301 -25.67 -9.21 19.80
CA THR A 301 -26.70 -9.41 18.73
C THR A 301 -26.05 -10.05 17.47
N LEU A 302 -24.98 -9.43 16.98
CA LEU A 302 -24.27 -9.87 15.76
C LEU A 302 -23.61 -11.23 16.03
N ARG A 303 -23.02 -11.50 17.20
CA ARG A 303 -22.38 -12.81 17.42
C ARG A 303 -23.44 -13.93 17.42
N LYS A 304 -24.61 -13.69 17.99
CA LYS A 304 -25.72 -14.70 18.00
C LYS A 304 -26.18 -14.94 16.54
N ARG A 305 -26.34 -13.90 15.74
CA ARG A 305 -26.72 -14.01 14.32
C ARG A 305 -25.66 -14.79 13.52
N LEU A 306 -24.39 -14.56 13.80
CA LEU A 306 -23.29 -15.28 13.10
C LEU A 306 -23.43 -16.79 13.36
N TYR A 307 -23.66 -17.19 14.61
CA TYR A 307 -23.84 -18.58 15.07
C TYR A 307 -25.11 -19.16 14.41
N GLU A 308 -26.23 -18.46 14.47
CA GLU A 308 -27.57 -19.04 14.15
C GLU A 308 -27.75 -19.15 12.63
N GLU A 309 -27.39 -18.11 11.89
CA GLU A 309 -27.68 -17.94 10.44
C GLU A 309 -26.54 -18.50 9.57
N TYR A 310 -25.30 -18.53 10.09
CA TYR A 310 -24.11 -18.91 9.28
C TYR A 310 -23.36 -20.10 9.86
N GLY A 311 -23.75 -20.59 11.03
CA GLY A 311 -23.15 -21.76 11.64
C GLY A 311 -21.73 -21.53 12.17
N VAL A 312 -21.39 -20.29 12.51
CA VAL A 312 -19.98 -19.93 12.92
C VAL A 312 -19.88 -19.64 14.43
N GLN A 313 -18.98 -20.34 15.12
CA GLN A 313 -18.72 -20.18 16.57
C GLN A 313 -17.32 -19.58 16.70
N GLY A 314 -17.12 -18.76 17.71
CA GLY A 314 -15.80 -18.16 18.00
C GLY A 314 -15.28 -18.59 19.36
N TRP A 315 -14.14 -18.02 19.71
CA TRP A 315 -13.48 -18.14 21.03
C TRP A 315 -13.63 -16.78 21.73
N ALA A 316 -14.35 -16.76 22.85
CA ALA A 316 -14.44 -15.58 23.75
C ALA A 316 -13.34 -15.72 24.81
N ILE A 317 -12.35 -14.83 24.79
CA ILE A 317 -11.14 -14.97 25.65
C ILE A 317 -11.06 -13.72 26.54
N VAL A 318 -10.92 -13.90 27.82
CA VAL A 318 -10.52 -12.79 28.75
C VAL A 318 -9.02 -12.90 29.02
N GLN A 319 -8.29 -11.85 28.62
CA GLN A 319 -6.82 -11.72 28.75
C GLN A 319 -6.58 -11.00 30.09
N PHE A 320 -6.04 -11.69 31.08
CA PHE A 320 -5.63 -11.13 32.40
C PHE A 320 -4.20 -10.57 32.31
N LEU A 321 -3.78 -9.77 33.33
CA LEU A 321 -2.36 -9.41 33.45
C LEU A 321 -1.47 -10.65 33.28
N GLY A 322 -0.44 -10.54 32.45
CA GLY A 322 0.54 -11.59 32.22
C GLY A 322 0.07 -12.65 31.20
N ASP A 323 -1.15 -12.58 30.67
CA ASP A 323 -1.58 -13.60 29.66
C ASP A 323 -1.01 -13.23 28.29
N ALA A 324 -0.46 -14.18 27.56
CA ALA A 324 -0.09 -14.07 26.15
C ALA A 324 -1.11 -14.80 25.27
N VAL A 325 -1.73 -14.08 24.35
CA VAL A 325 -2.71 -14.64 23.37
C VAL A 325 -1.98 -14.92 22.06
N PHE A 326 -2.00 -16.17 21.59
CA PHE A 326 -1.41 -16.57 20.28
C PHE A 326 -2.54 -16.49 19.23
N ILE A 327 -2.37 -15.61 18.25
CA ILE A 327 -3.40 -15.32 17.21
C ILE A 327 -2.98 -15.93 15.88
N PRO A 328 -3.70 -16.97 15.37
CA PRO A 328 -3.32 -17.60 14.09
C PRO A 328 -3.43 -16.63 12.89
N ALA A 329 -2.46 -16.68 11.96
CA ALA A 329 -2.56 -15.99 10.65
C ALA A 329 -3.92 -16.23 9.99
N GLY A 330 -4.53 -15.13 9.55
CA GLY A 330 -5.80 -15.16 8.84
C GLY A 330 -7.01 -15.24 9.77
N ALA A 331 -6.86 -15.35 11.09
CA ALA A 331 -8.00 -15.48 12.02
C ALA A 331 -8.59 -14.10 12.33
N PRO A 332 -9.86 -13.79 11.94
CA PRO A 332 -10.47 -12.51 12.34
C PRO A 332 -10.55 -12.34 13.87
N HIS A 333 -10.27 -11.14 14.40
CA HIS A 333 -10.32 -10.91 15.85
C HIS A 333 -10.66 -9.44 16.14
N GLN A 334 -11.26 -9.25 17.29
CA GLN A 334 -11.67 -7.93 17.86
C GLN A 334 -11.31 -7.92 19.36
N VAL A 335 -11.15 -6.71 19.91
CA VAL A 335 -10.67 -6.49 21.30
C VAL A 335 -11.51 -5.37 21.92
N HIS A 336 -11.97 -5.61 23.14
CA HIS A 336 -12.78 -4.70 24.01
C HIS A 336 -12.09 -4.60 25.37
N ASN A 337 -11.41 -3.48 25.66
CA ASN A 337 -10.73 -3.33 26.98
C ASN A 337 -11.75 -3.19 28.11
N LEU A 338 -11.53 -3.92 29.21
CA LEU A 338 -12.41 -3.87 30.41
C LEU A 338 -11.85 -2.82 31.36
N TYR A 339 -10.54 -2.76 31.50
CA TYR A 339 -9.79 -1.73 32.26
C TYR A 339 -8.71 -1.16 31.33
N SER A 340 -7.94 -0.16 31.79
CA SER A 340 -6.84 0.42 31.00
C SER A 340 -5.75 -0.63 30.78
N CYS A 341 -5.27 -0.77 29.57
CA CYS A 341 -4.32 -1.87 29.22
C CYS A 341 -3.07 -1.35 28.52
N ILE A 342 -1.89 -1.90 28.85
CA ILE A 342 -0.65 -1.85 28.05
C ILE A 342 -0.40 -3.26 27.50
N LYS A 343 -0.51 -3.43 26.18
CA LYS A 343 -0.22 -4.74 25.51
C LYS A 343 0.99 -4.55 24.59
N VAL A 344 1.80 -5.60 24.40
CA VAL A 344 2.93 -5.58 23.44
C VAL A 344 2.89 -6.88 22.64
N ALA A 345 2.87 -6.76 21.32
CA ALA A 345 2.70 -7.90 20.38
C ALA A 345 3.92 -8.06 19.46
N GLU A 346 4.29 -9.31 19.16
CA GLU A 346 5.39 -9.64 18.20
C GLU A 346 4.83 -10.54 17.09
N ASP A 347 5.04 -10.19 15.84
CA ASP A 347 4.63 -11.02 14.68
C ASP A 347 5.68 -12.13 14.45
N PHE A 348 5.25 -13.24 13.86
CA PHE A 348 6.12 -14.38 13.45
C PHE A 348 5.43 -15.13 12.30
N VAL A 349 6.16 -16.02 11.62
CA VAL A 349 5.63 -16.84 10.50
C VAL A 349 5.91 -18.33 10.78
N SER A 350 4.94 -19.03 11.37
CA SER A 350 5.08 -20.46 11.67
C SER A 350 4.92 -21.24 10.37
N PRO A 351 5.55 -22.42 10.24
CA PRO A 351 5.31 -23.25 9.08
C PRO A 351 3.86 -23.76 8.95
N GLU A 352 3.17 -23.96 10.08
CA GLU A 352 1.78 -24.45 10.13
C GLU A 352 0.87 -23.52 9.31
N HIS A 353 1.16 -22.22 9.25
CA HIS A 353 0.20 -21.23 8.71
C HIS A 353 0.81 -20.37 7.58
N VAL A 354 1.95 -20.76 7.01
CA VAL A 354 2.64 -19.95 5.97
C VAL A 354 1.74 -19.75 4.74
N LYS A 355 0.85 -20.68 4.39
CA LYS A 355 -0.13 -20.48 3.27
C LYS A 355 -0.80 -19.11 3.32
N HIS A 356 -1.06 -18.53 4.51
CA HIS A 356 -1.88 -17.28 4.62
C HIS A 356 -1.14 -16.05 4.07
N CYS A 357 0.19 -16.08 3.95
CA CYS A 357 0.98 -14.90 3.47
C CYS A 357 1.50 -15.11 2.04
N PHE A 358 1.19 -16.22 1.38
CA PHE A 358 1.62 -16.51 -0.02
C PHE A 358 0.85 -15.58 -1.01
N ARG A 359 1.55 -15.01 -1.99
CA ARG A 359 1.00 -13.97 -2.91
C ARG A 359 0.40 -14.61 -4.16
N LEU A 360 0.46 -15.92 -4.35
CA LEU A 360 -0.18 -16.55 -5.55
C LEU A 360 -1.35 -17.48 -5.17
N THR A 361 -2.14 -17.87 -6.17
CA THR A 361 -3.40 -18.67 -6.11
C THR A 361 -4.23 -18.25 -4.89
N MET B 23 0.36 18.36 -48.86
CA MET B 23 -0.45 17.13 -49.04
C MET B 23 -0.01 16.06 -48.01
N THR B 24 0.87 16.41 -47.06
CA THR B 24 1.23 15.50 -45.94
C THR B 24 -0.05 15.18 -45.12
N SER B 25 -0.33 13.90 -44.96
CA SER B 25 -1.51 13.40 -44.18
C SER B 25 -1.35 13.80 -42.71
N HIS B 26 -2.27 14.62 -42.20
CA HIS B 26 -2.21 15.17 -40.84
C HIS B 26 -3.62 15.55 -40.37
N SER B 27 -3.78 15.71 -39.08
CA SER B 27 -4.96 16.31 -38.43
C SER B 27 -4.52 16.94 -37.11
N TRP B 28 -5.42 17.60 -36.42
CA TRP B 28 -5.12 18.38 -35.21
C TRP B 28 -6.01 17.83 -34.08
N LEU B 29 -5.45 17.66 -32.89
CA LEU B 29 -6.21 17.27 -31.67
C LEU B 29 -6.01 18.34 -30.61
N CYS B 30 -6.54 18.13 -29.39
CA CYS B 30 -6.45 19.11 -28.28
C CYS B 30 -6.83 20.52 -28.78
N ASP B 31 -7.95 20.62 -29.52
CA ASP B 31 -8.52 21.91 -30.01
C ASP B 31 -7.49 22.66 -30.87
N GLY B 32 -6.85 21.95 -31.84
CA GLY B 32 -5.83 22.49 -32.76
C GLY B 32 -4.45 22.70 -32.16
N ARG B 33 -4.18 22.28 -30.91
CA ARG B 33 -2.85 22.55 -30.26
C ARG B 33 -1.91 21.33 -30.38
N LEU B 34 -2.36 20.20 -30.97
CA LEU B 34 -1.53 18.95 -31.11
C LEU B 34 -1.54 18.49 -32.56
N LEU B 35 -0.37 18.53 -33.23
CA LEU B 35 -0.20 17.91 -34.56
C LEU B 35 -0.25 16.39 -34.48
N CYS B 36 -1.01 15.74 -35.36
CA CYS B 36 -1.08 14.28 -35.58
C CYS B 36 -0.71 13.96 -37.03
N LEU B 37 0.47 13.35 -37.27
CA LEU B 37 0.95 12.86 -38.58
C LEU B 37 0.51 11.39 -38.74
N HIS B 38 -0.08 11.05 -39.90
CA HIS B 38 -0.77 9.75 -40.08
C HIS B 38 0.01 8.76 -40.95
N ASP B 39 1.03 9.19 -41.72
CA ASP B 39 1.94 8.25 -42.44
C ASP B 39 3.35 8.34 -41.87
N PRO B 40 3.75 7.32 -41.07
CA PRO B 40 5.03 7.37 -40.34
C PRO B 40 6.26 7.40 -41.27
N SER B 41 6.14 7.00 -42.54
CA SER B 41 7.30 6.91 -43.47
C SER B 41 7.28 8.00 -44.56
N ASN B 42 6.44 9.04 -44.46
CA ASN B 42 6.45 10.16 -45.43
C ASN B 42 7.67 11.06 -45.19
N LYS B 43 8.54 11.19 -46.20
CA LYS B 43 9.81 11.98 -46.14
C LYS B 43 9.56 13.46 -45.88
N ASN B 44 8.33 13.95 -46.07
CA ASN B 44 8.00 15.39 -45.91
C ASN B 44 7.44 15.72 -44.50
N ASN B 45 7.30 14.71 -43.61
CA ASN B 45 6.76 14.88 -42.23
C ASN B 45 7.43 16.05 -41.50
N TRP B 46 8.75 16.26 -41.68
CA TRP B 46 9.53 17.32 -40.99
C TRP B 46 8.91 18.72 -41.25
N LYS B 47 8.29 18.95 -42.39
CA LYS B 47 7.89 20.33 -42.82
C LYS B 47 6.91 20.98 -41.83
N ILE B 48 5.88 20.23 -41.43
CA ILE B 48 4.83 20.74 -40.47
C ILE B 48 5.32 20.49 -39.02
N PHE B 49 6.06 19.40 -38.80
CA PHE B 49 6.65 19.06 -37.47
C PHE B 49 7.46 20.23 -36.94
N ARG B 50 8.30 20.86 -37.79
CA ARG B 50 9.37 21.81 -37.36
C ARG B 50 8.80 22.97 -36.52
N GLU B 51 7.74 23.64 -37.00
CA GLU B 51 7.22 24.83 -36.27
C GLU B 51 6.50 24.40 -34.97
N CYS B 52 5.84 23.24 -34.90
CA CYS B 52 5.21 22.79 -33.61
C CYS B 52 6.36 22.54 -32.60
N TRP B 53 7.40 21.86 -33.04
CA TRP B 53 8.55 21.49 -32.19
C TRP B 53 9.31 22.72 -31.75
N LYS B 54 9.49 23.70 -32.64
CA LYS B 54 10.11 24.99 -32.25
C LYS B 54 9.30 25.70 -31.16
N GLN B 55 7.97 25.67 -31.21
CA GLN B 55 7.08 26.30 -30.20
C GLN B 55 7.06 25.47 -28.90
N GLY B 56 7.75 24.32 -28.83
CA GLY B 56 7.85 23.48 -27.61
C GLY B 56 6.66 22.54 -27.39
N GLN B 57 5.92 22.23 -28.44
CA GLN B 57 4.76 21.31 -28.38
C GLN B 57 5.23 19.86 -28.53
N PRO B 58 4.54 18.91 -27.86
CA PRO B 58 4.60 17.53 -28.28
C PRO B 58 3.93 17.37 -29.66
N VAL B 59 4.25 16.29 -30.35
CA VAL B 59 3.68 15.85 -31.64
C VAL B 59 3.35 14.35 -31.58
N LEU B 60 2.26 13.92 -32.22
CA LEU B 60 1.90 12.50 -32.29
C LEU B 60 2.05 11.99 -33.73
N VAL B 61 2.65 10.81 -33.90
CA VAL B 61 2.70 10.11 -35.21
C VAL B 61 2.02 8.75 -35.06
N SER B 62 0.99 8.46 -35.88
CA SER B 62 0.23 7.18 -35.82
C SER B 62 0.78 6.18 -36.84
N GLY B 63 0.43 4.89 -36.66
CA GLY B 63 0.65 3.81 -37.65
C GLY B 63 1.99 3.08 -37.55
N VAL B 64 2.79 3.32 -36.50
CA VAL B 64 4.14 2.70 -36.39
C VAL B 64 4.00 1.16 -36.23
N HIS B 65 2.96 0.68 -35.56
CA HIS B 65 2.70 -0.77 -35.32
C HIS B 65 2.65 -1.53 -36.64
N LYS B 66 2.05 -0.90 -37.67
CA LYS B 66 1.89 -1.52 -39.01
C LYS B 66 3.24 -1.72 -39.68
N LYS B 67 4.30 -1.00 -39.25
CA LYS B 67 5.66 -1.13 -39.82
C LYS B 67 6.49 -2.21 -39.09
N LEU B 68 6.07 -2.67 -37.90
CA LEU B 68 6.92 -3.56 -37.04
C LEU B 68 6.57 -5.03 -37.30
N LYS B 69 7.45 -5.95 -36.88
CA LYS B 69 7.18 -7.42 -36.83
C LYS B 69 6.40 -7.74 -35.56
N SER B 70 5.08 -7.82 -35.69
CA SER B 70 4.15 -7.83 -34.54
C SER B 70 4.46 -9.02 -33.61
N GLU B 71 4.98 -10.12 -34.14
CA GLU B 71 5.27 -11.34 -33.34
C GLU B 71 6.43 -11.08 -32.36
N LEU B 72 7.29 -10.09 -32.58
CA LEU B 72 8.42 -9.77 -31.66
C LEU B 72 7.89 -9.05 -30.39
N TRP B 73 6.75 -8.36 -30.47
CA TRP B 73 6.28 -7.38 -29.45
C TRP B 73 5.05 -7.94 -28.70
N LYS B 74 5.09 -9.21 -28.30
CA LYS B 74 3.96 -9.90 -27.62
C LYS B 74 4.39 -10.37 -26.21
N PRO B 75 3.54 -10.21 -25.18
CA PRO B 75 3.90 -10.62 -23.81
C PRO B 75 4.37 -12.09 -23.74
N GLU B 76 3.68 -12.99 -24.46
CA GLU B 76 3.98 -14.45 -24.43
C GLU B 76 5.41 -14.70 -24.92
N ALA B 77 5.89 -13.95 -25.92
CA ALA B 77 7.26 -14.07 -26.47
C ALA B 77 8.32 -13.59 -25.45
N PHE B 78 8.10 -12.46 -24.77
CA PHE B 78 9.04 -11.99 -23.72
C PHE B 78 9.10 -13.07 -22.62
N SER B 79 7.97 -13.68 -22.25
CA SER B 79 7.93 -14.73 -21.19
C SER B 79 8.74 -15.96 -21.63
N GLN B 80 8.49 -16.48 -22.84
CA GLN B 80 9.15 -17.71 -23.32
C GLN B 80 10.66 -17.48 -23.48
N GLU B 81 11.10 -16.31 -23.97
CA GLU B 81 12.53 -16.06 -24.28
C GLU B 81 13.31 -15.68 -23.03
N PHE B 82 12.72 -14.95 -22.08
CA PHE B 82 13.49 -14.28 -20.99
C PHE B 82 12.90 -14.58 -19.60
N GLY B 83 11.97 -15.51 -19.45
CA GLY B 83 11.11 -15.64 -18.27
C GLY B 83 11.84 -16.19 -17.04
N ASP B 84 13.03 -16.80 -17.19
CA ASP B 84 13.74 -17.39 -16.00
C ASP B 84 14.76 -16.41 -15.42
N GLN B 85 14.88 -15.19 -15.98
CA GLN B 85 15.68 -14.09 -15.39
C GLN B 85 15.06 -13.57 -14.08
N ASP B 86 15.90 -13.12 -13.17
CA ASP B 86 15.46 -12.54 -11.88
C ASP B 86 15.29 -11.04 -12.06
N VAL B 87 14.29 -10.45 -11.41
CA VAL B 87 13.98 -9.00 -11.60
C VAL B 87 13.24 -8.44 -10.37
N ASP B 88 13.27 -7.13 -10.21
CA ASP B 88 12.38 -6.42 -9.25
C ASP B 88 11.14 -5.86 -9.97
N LEU B 89 10.00 -5.85 -9.28
CA LEU B 89 8.75 -5.18 -9.72
C LEU B 89 8.43 -4.04 -8.78
N VAL B 90 7.65 -3.06 -9.25
CA VAL B 90 7.10 -1.94 -8.43
C VAL B 90 5.57 -2.03 -8.39
N ASN B 91 5.01 -1.97 -7.20
CA ASN B 91 3.56 -1.85 -6.96
C ASN B 91 3.17 -0.38 -7.20
N CYS B 92 2.42 -0.08 -8.26
CA CYS B 92 2.02 1.29 -8.70
C CYS B 92 1.15 1.99 -7.64
N ARG B 93 0.38 1.26 -6.82
CA ARG B 93 -0.53 1.88 -5.80
C ARG B 93 0.27 2.45 -4.60
N ASN B 94 1.37 1.83 -4.18
CA ASN B 94 2.11 2.28 -2.98
C ASN B 94 3.60 2.52 -3.27
N CYS B 95 4.09 2.34 -4.51
CA CYS B 95 5.53 2.52 -4.88
C CYS B 95 6.44 1.50 -4.18
N ALA B 96 5.91 0.43 -3.56
CA ALA B 96 6.70 -0.63 -2.91
C ALA B 96 7.45 -1.50 -3.94
N ILE B 97 8.66 -1.93 -3.60
CA ILE B 97 9.50 -2.82 -4.46
C ILE B 97 9.25 -4.27 -4.06
N ILE B 98 8.85 -5.11 -5.01
CA ILE B 98 8.77 -6.59 -4.86
C ILE B 98 10.06 -7.17 -5.46
N SER B 99 11.03 -7.56 -4.61
CA SER B 99 12.42 -7.86 -5.06
C SER B 99 12.59 -9.34 -5.46
N ASP B 100 13.39 -9.54 -6.50
CA ASP B 100 13.96 -10.87 -6.87
C ASP B 100 12.86 -11.90 -7.15
N VAL B 101 11.90 -11.58 -8.00
CA VAL B 101 10.93 -12.56 -8.56
C VAL B 101 11.31 -12.86 -10.01
N LYS B 102 10.55 -13.70 -10.70
CA LYS B 102 10.91 -14.11 -12.08
C LYS B 102 10.24 -13.17 -13.11
N VAL B 103 10.91 -12.92 -14.22
CA VAL B 103 10.37 -12.13 -15.36
C VAL B 103 9.05 -12.77 -15.76
N ARG B 104 8.93 -14.12 -15.75
CA ARG B 104 7.66 -14.77 -16.19
C ARG B 104 6.51 -14.46 -15.22
N ASP B 105 6.77 -14.14 -13.94
CA ASP B 105 5.70 -13.77 -12.97
C ASP B 105 5.06 -12.44 -13.40
N PHE B 106 5.82 -11.51 -13.97
CA PHE B 106 5.26 -10.27 -14.53
C PHE B 106 4.45 -10.58 -15.79
N TRP B 107 5.04 -11.27 -16.78
CA TRP B 107 4.40 -11.40 -18.13
C TRP B 107 3.20 -12.35 -18.07
N ASP B 108 3.20 -13.39 -17.24
CA ASP B 108 2.08 -14.36 -17.27
C ASP B 108 0.80 -13.75 -16.65
N GLY B 109 0.90 -12.65 -15.91
CA GLY B 109 -0.23 -11.87 -15.37
C GLY B 109 -0.62 -10.65 -16.22
N PHE B 110 0.07 -10.40 -17.33
CA PHE B 110 -0.12 -9.17 -18.13
C PHE B 110 -1.59 -9.00 -18.54
N GLU B 111 -2.24 -10.08 -18.94
CA GLU B 111 -3.66 -10.03 -19.39
C GLU B 111 -4.58 -10.90 -18.53
N ILE B 112 -4.05 -11.88 -17.80
CA ILE B 112 -4.86 -12.82 -16.96
C ILE B 112 -4.77 -12.37 -15.49
N ILE B 113 -5.81 -11.72 -14.97
CA ILE B 113 -5.75 -11.01 -13.66
C ILE B 113 -5.57 -12.00 -12.49
N CYS B 114 -6.12 -13.21 -12.61
CA CYS B 114 -6.09 -14.23 -11.53
C CYS B 114 -4.66 -14.81 -11.38
N LYS B 115 -3.76 -14.61 -12.36
CA LYS B 115 -2.34 -15.08 -12.31
C LYS B 115 -1.40 -14.00 -11.72
N ARG B 116 -1.91 -12.83 -11.34
CA ARG B 116 -1.08 -11.75 -10.78
C ARG B 116 -0.69 -12.05 -9.31
N LEU B 117 0.51 -11.61 -8.93
CA LEU B 117 0.97 -11.48 -7.51
C LEU B 117 -0.03 -10.59 -6.75
N ARG B 118 -0.45 -11.01 -5.56
CA ARG B 118 -1.42 -10.27 -4.71
C ARG B 118 -0.75 -9.52 -3.56
N SER B 119 -1.39 -8.43 -3.13
CA SER B 119 -0.98 -7.63 -1.95
C SER B 119 -1.52 -8.29 -0.66
N GLU B 120 -1.08 -7.77 0.48
CA GLU B 120 -1.51 -8.10 1.88
C GLU B 120 -3.04 -8.30 1.92
N ASP B 121 -3.82 -7.51 1.17
CA ASP B 121 -5.31 -7.47 1.21
C ASP B 121 -5.95 -8.55 0.34
N GLY B 122 -5.15 -9.43 -0.30
CA GLY B 122 -5.70 -10.45 -1.20
C GLY B 122 -6.04 -9.92 -2.59
N GLN B 123 -5.79 -8.63 -2.88
CA GLN B 123 -6.12 -8.04 -4.21
C GLN B 123 -4.97 -8.28 -5.20
N PRO B 124 -5.26 -8.53 -6.50
CA PRO B 124 -4.20 -8.57 -7.51
C PRO B 124 -3.51 -7.20 -7.62
N MET B 125 -2.17 -7.19 -7.70
CA MET B 125 -1.39 -5.92 -7.73
C MET B 125 -1.39 -5.39 -9.19
N VAL B 126 -1.37 -4.07 -9.29
CA VAL B 126 -0.97 -3.32 -10.52
C VAL B 126 0.55 -3.09 -10.49
N LEU B 127 1.30 -3.83 -11.30
CA LEU B 127 2.76 -3.89 -11.26
C LEU B 127 3.41 -3.28 -12.51
N LYS B 128 4.63 -2.80 -12.32
CA LYS B 128 5.55 -2.50 -13.44
C LYS B 128 6.90 -3.17 -13.26
N LEU B 129 7.51 -3.49 -14.39
CA LEU B 129 8.84 -4.13 -14.45
C LEU B 129 9.88 -3.02 -14.28
N LYS B 130 10.78 -3.14 -13.31
CA LYS B 130 11.82 -2.13 -13.03
C LYS B 130 13.13 -2.48 -13.75
N ASP B 131 13.77 -1.50 -14.39
CA ASP B 131 15.17 -1.61 -14.92
C ASP B 131 15.34 -2.90 -15.75
N TRP B 132 14.51 -3.12 -16.75
CA TRP B 132 14.58 -4.36 -17.57
C TRP B 132 14.41 -4.00 -19.04
N PRO B 133 15.32 -4.47 -19.93
CA PRO B 133 16.59 -5.11 -19.54
C PRO B 133 17.50 -4.24 -18.67
N PRO B 134 18.39 -4.81 -17.83
CA PRO B 134 19.20 -4.02 -16.89
C PRO B 134 20.17 -3.08 -17.60
N GLY B 135 20.30 -1.84 -17.11
CA GLY B 135 21.30 -0.86 -17.56
C GLY B 135 21.10 -0.49 -19.02
N GLU B 136 22.11 -0.79 -19.88
CA GLU B 136 22.18 -0.50 -21.34
C GLU B 136 22.13 -1.82 -22.10
N ASP B 137 21.56 -2.88 -21.51
CA ASP B 137 21.60 -4.24 -22.10
C ASP B 137 20.62 -4.38 -23.27
N PHE B 138 19.77 -3.39 -23.60
CA PHE B 138 18.62 -3.62 -24.54
C PHE B 138 19.15 -4.15 -25.87
N ARG B 139 20.08 -3.43 -26.50
CA ARG B 139 20.71 -3.85 -27.79
C ARG B 139 21.34 -5.25 -27.67
N ASP B 140 22.06 -5.51 -26.59
CA ASP B 140 22.81 -6.77 -26.36
C ASP B 140 21.83 -7.91 -26.05
N MET B 141 20.81 -7.67 -25.23
CA MET B 141 19.87 -8.77 -24.84
C MET B 141 18.88 -9.03 -25.98
N MET B 142 18.53 -8.01 -26.78
CA MET B 142 17.38 -8.08 -27.74
C MET B 142 17.78 -7.48 -29.10
N PRO B 143 18.81 -8.03 -29.80
CA PRO B 143 19.30 -7.41 -31.03
C PRO B 143 18.29 -7.31 -32.18
N THR B 144 17.42 -8.31 -32.36
CA THR B 144 16.43 -8.31 -33.47
C THR B 144 15.32 -7.25 -33.19
N ARG B 145 14.90 -7.09 -31.93
CA ARG B 145 13.97 -6.01 -31.50
C ARG B 145 14.60 -4.62 -31.68
N PHE B 146 15.87 -4.44 -31.36
CA PHE B 146 16.59 -3.18 -31.62
C PHE B 146 16.52 -2.81 -33.11
N GLU B 147 16.88 -3.73 -34.02
CA GLU B 147 16.87 -3.51 -35.49
C GLU B 147 15.44 -3.17 -35.94
N ASP B 148 14.46 -3.93 -35.46
CA ASP B 148 13.03 -3.71 -35.85
C ASP B 148 12.58 -2.29 -35.46
N LEU B 149 12.91 -1.85 -34.24
CA LEU B 149 12.52 -0.47 -33.79
C LEU B 149 13.24 0.63 -34.61
N MET B 150 14.57 0.57 -34.73
CA MET B 150 15.37 1.71 -35.25
C MET B 150 15.05 1.91 -36.75
N GLU B 151 14.83 0.82 -37.48
CA GLU B 151 14.51 0.87 -38.93
C GLU B 151 13.13 1.46 -39.15
N ASN B 152 12.28 1.54 -38.12
CA ASN B 152 10.86 1.93 -38.33
C ASN B 152 10.45 3.15 -37.48
N LEU B 153 11.37 3.83 -36.82
CA LEU B 153 11.05 5.06 -36.03
C LEU B 153 10.72 6.18 -37.00
N PRO B 154 9.67 6.97 -36.70
CA PRO B 154 9.34 8.12 -37.51
C PRO B 154 10.34 9.26 -37.31
N LEU B 155 10.28 10.24 -38.20
CA LEU B 155 11.22 11.42 -38.22
C LEU B 155 12.67 10.95 -38.04
N PRO B 156 13.13 10.02 -38.90
CA PRO B 156 14.44 9.39 -38.73
C PRO B 156 15.63 10.37 -38.84
N GLU B 157 15.55 11.51 -39.53
CA GLU B 157 16.67 12.50 -39.50
C GLU B 157 16.86 13.00 -38.07
N TYR B 158 15.80 12.99 -37.23
CA TYR B 158 15.85 13.49 -35.85
C TYR B 158 16.16 12.33 -34.90
N THR B 159 15.63 11.13 -35.16
CA THR B 159 15.55 10.07 -34.11
C THR B 159 16.64 8.98 -34.24
N LYS B 160 17.19 8.71 -35.41
CA LYS B 160 18.25 7.66 -35.58
C LYS B 160 19.63 8.21 -35.17
N ARG B 161 20.55 7.36 -34.71
N ARG B 161 20.53 7.33 -34.72
CA ARG B 161 21.87 7.84 -34.20
CA ARG B 161 21.88 7.72 -34.24
C ARG B 161 22.59 8.66 -35.29
C ARG B 161 22.60 8.60 -35.27
N ASP B 162 22.54 8.23 -36.55
CA ASP B 162 23.25 8.94 -37.65
C ASP B 162 22.28 9.84 -38.44
N GLY B 163 21.12 10.21 -37.85
CA GLY B 163 20.21 11.19 -38.45
C GLY B 163 20.94 12.50 -38.71
N ARG B 164 20.59 13.20 -39.79
CA ARG B 164 21.18 14.51 -40.18
C ARG B 164 21.03 15.52 -39.03
N LEU B 165 19.87 15.55 -38.34
CA LEU B 165 19.58 16.57 -37.32
C LEU B 165 19.58 15.97 -35.90
N ASN B 166 20.08 14.77 -35.68
CA ASN B 166 20.34 14.25 -34.31
C ASN B 166 21.77 14.67 -33.92
N LEU B 167 21.89 15.51 -32.89
CA LEU B 167 23.21 16.01 -32.42
C LEU B 167 23.79 15.11 -31.32
N ALA B 168 23.09 14.09 -30.82
CA ALA B 168 23.52 13.39 -29.57
C ALA B 168 24.93 12.79 -29.70
N SER B 169 25.27 12.10 -30.79
CA SER B 169 26.61 11.45 -30.92
C SER B 169 27.74 12.47 -31.09
N ARG B 170 27.44 13.71 -31.45
CA ARG B 170 28.47 14.73 -31.75
C ARG B 170 28.79 15.60 -30.53
N LEU B 171 27.85 15.78 -29.60
CA LEU B 171 27.98 16.77 -28.51
C LEU B 171 28.69 16.20 -27.30
N PRO B 172 29.45 17.06 -26.57
CA PRO B 172 30.04 16.66 -25.30
C PRO B 172 29.02 16.33 -24.20
N SER B 173 29.53 15.80 -23.07
CA SER B 173 28.70 15.31 -21.94
C SER B 173 27.94 16.43 -21.22
N TYR B 174 28.33 17.70 -21.35
CA TYR B 174 27.60 18.82 -20.72
C TYR B 174 26.29 19.15 -21.49
N PHE B 175 26.04 18.48 -22.64
CA PHE B 175 24.74 18.55 -23.37
C PHE B 175 23.91 17.26 -23.18
N VAL B 176 24.54 16.10 -23.14
CA VAL B 176 23.85 14.78 -23.30
C VAL B 176 24.71 13.65 -22.74
N ARG B 177 24.04 12.63 -22.19
CA ARG B 177 24.67 11.35 -21.78
C ARG B 177 25.20 10.64 -23.03
N PRO B 178 26.37 9.99 -22.98
CA PRO B 178 26.89 9.26 -24.15
C PRO B 178 26.17 7.94 -24.47
N ASP B 179 26.28 7.52 -25.73
CA ASP B 179 25.84 6.18 -26.22
C ASP B 179 24.37 5.92 -25.89
N LEU B 180 23.44 6.79 -26.35
CA LEU B 180 21.99 6.62 -26.11
C LEU B 180 21.52 5.32 -26.78
N GLY B 181 20.63 4.56 -26.11
CA GLY B 181 19.95 3.37 -26.65
C GLY B 181 18.54 3.27 -26.09
N PRO B 182 17.66 2.41 -26.65
CA PRO B 182 16.25 2.40 -26.29
C PRO B 182 15.97 1.83 -24.90
N LYS B 183 14.84 2.24 -24.33
CA LYS B 183 14.36 1.88 -22.97
C LYS B 183 12.91 1.40 -23.09
N MET B 184 12.51 0.42 -22.29
CA MET B 184 11.10 -0.09 -22.24
C MET B 184 10.36 0.52 -21.06
N TYR B 185 9.04 0.68 -21.20
CA TYR B 185 8.08 0.99 -20.11
C TYR B 185 6.99 -0.07 -20.14
N ASN B 186 7.05 -1.04 -19.20
CA ASN B 186 6.22 -2.26 -19.18
C ASN B 186 5.40 -2.27 -17.89
N ALA B 187 4.08 -2.13 -17.93
CA ALA B 187 3.25 -1.99 -16.71
C ALA B 187 1.83 -2.45 -16.99
N TYR B 188 1.18 -2.99 -15.96
CA TYR B 188 -0.25 -3.37 -16.01
C TYR B 188 -1.12 -2.10 -16.13
N GLY B 189 -2.38 -2.28 -16.54
CA GLY B 189 -3.43 -1.23 -16.50
C GLY B 189 -3.94 -0.95 -15.09
N LEU B 190 -4.20 0.31 -14.77
CA LEU B 190 -4.92 0.71 -13.54
C LEU B 190 -6.42 0.40 -13.72
N ILE B 191 -7.11 0.03 -12.63
CA ILE B 191 -8.40 -0.77 -12.70
C ILE B 191 -9.56 -0.03 -12.01
N THR B 192 -9.37 0.42 -10.77
CA THR B 192 -10.46 0.88 -9.86
C THR B 192 -10.72 2.39 -9.94
N ALA B 193 -11.84 2.81 -9.37
CA ALA B 193 -12.21 4.23 -9.23
C ALA B 193 -11.12 4.93 -8.44
N GLU B 194 -10.60 4.30 -7.37
CA GLU B 194 -9.54 4.89 -6.51
C GLU B 194 -8.26 5.01 -7.33
N ASP B 195 -8.04 4.05 -8.25
CA ASP B 195 -6.88 4.02 -9.18
C ASP B 195 -6.87 5.25 -10.12
N ARG B 196 -7.98 5.97 -10.31
CA ARG B 196 -8.06 7.09 -11.28
C ARG B 196 -7.07 8.16 -10.90
N ARG B 197 -6.72 8.29 -9.61
CA ARG B 197 -5.83 9.34 -9.10
C ARG B 197 -4.38 8.85 -8.98
N VAL B 198 -4.06 7.66 -9.51
CA VAL B 198 -2.70 7.05 -9.40
C VAL B 198 -2.02 7.17 -10.77
N GLY B 199 -0.71 7.46 -10.77
CA GLY B 199 0.16 7.38 -11.98
C GLY B 199 0.76 6.00 -12.16
N THR B 200 0.86 5.52 -13.40
CA THR B 200 1.83 4.47 -13.79
C THR B 200 3.24 5.07 -13.59
N THR B 201 3.45 6.27 -14.13
CA THR B 201 4.71 7.07 -14.03
C THR B 201 4.31 8.47 -13.57
N ASN B 202 4.80 8.87 -12.38
CA ASN B 202 4.44 10.15 -11.73
C ASN B 202 5.08 11.31 -12.50
N LEU B 203 4.56 12.51 -12.28
CA LEU B 203 5.05 13.74 -12.94
C LEU B 203 6.57 13.87 -12.77
N HIS B 204 7.29 14.08 -13.87
CA HIS B 204 8.76 14.22 -13.90
C HIS B 204 9.12 14.99 -15.18
N LEU B 205 10.41 15.29 -15.39
CA LEU B 205 10.90 15.73 -16.74
C LEU B 205 12.13 14.88 -17.08
N ASP B 206 12.49 14.85 -18.36
CA ASP B 206 13.68 14.15 -18.89
C ASP B 206 14.65 15.22 -19.47
N VAL B 207 15.97 14.99 -19.45
CA VAL B 207 16.98 16.05 -19.79
C VAL B 207 17.28 16.08 -21.31
N SER B 208 16.84 15.10 -22.08
CA SER B 208 16.98 15.08 -23.56
C SER B 208 15.60 15.11 -24.23
N ASP B 209 15.58 15.30 -25.55
CA ASP B 209 14.36 15.00 -26.35
C ASP B 209 14.16 13.48 -26.37
N ALA B 210 12.93 13.00 -26.64
CA ALA B 210 12.62 11.57 -26.82
C ALA B 210 11.38 11.35 -27.64
N VAL B 211 11.28 10.13 -28.17
CA VAL B 211 10.04 9.58 -28.78
C VAL B 211 9.67 8.29 -28.06
N ASN B 212 8.41 8.12 -27.72
CA ASN B 212 7.85 6.95 -27.00
C ASN B 212 6.81 6.27 -27.91
N VAL B 213 7.04 5.00 -28.27
CA VAL B 213 6.16 4.21 -29.19
C VAL B 213 5.35 3.15 -28.42
N MET B 214 4.02 3.16 -28.55
CA MET B 214 3.13 2.06 -28.04
C MET B 214 3.23 0.86 -28.99
N VAL B 215 3.85 -0.25 -28.57
CA VAL B 215 4.04 -1.45 -29.45
C VAL B 215 3.06 -2.59 -29.11
N TYR B 216 2.38 -2.57 -27.97
CA TYR B 216 1.37 -3.62 -27.62
C TYR B 216 0.44 -3.13 -26.52
N VAL B 217 -0.85 -3.42 -26.69
CA VAL B 217 -1.90 -3.08 -25.70
C VAL B 217 -2.68 -4.38 -25.39
N GLY B 218 -2.63 -4.81 -24.12
CA GLY B 218 -3.27 -6.06 -23.66
C GLY B 218 -4.50 -5.73 -22.86
N ILE B 219 -5.65 -6.19 -23.34
CA ILE B 219 -6.97 -5.96 -22.70
C ILE B 219 -7.43 -7.30 -22.11
N PRO B 220 -7.53 -7.43 -20.76
CA PRO B 220 -8.09 -8.66 -20.15
C PRO B 220 -9.55 -8.88 -20.57
N ILE B 221 -10.09 -10.11 -20.44
CA ILE B 221 -11.57 -10.38 -20.42
C ILE B 221 -11.93 -11.23 -19.19
N ALA B 225 -15.44 -7.02 -20.01
CA ALA B 225 -15.21 -5.75 -20.74
C ALA B 225 -15.49 -4.55 -19.83
N HIS B 226 -14.63 -4.32 -18.83
CA HIS B 226 -14.71 -3.18 -17.88
C HIS B 226 -14.09 -1.94 -18.54
N ASP B 227 -14.67 -1.52 -19.66
CA ASP B 227 -14.42 -0.22 -20.35
C ASP B 227 -15.21 0.90 -19.64
N GLU B 228 -15.91 0.56 -18.54
CA GLU B 228 -16.82 1.46 -17.80
C GLU B 228 -15.96 2.54 -17.10
N GLU B 229 -15.07 2.09 -16.22
CA GLU B 229 -14.08 2.95 -15.52
C GLU B 229 -13.16 3.62 -16.57
N VAL B 230 -12.90 2.97 -17.70
CA VAL B 230 -11.96 3.52 -18.73
C VAL B 230 -12.58 4.76 -19.41
N LEU B 231 -13.86 4.72 -19.81
CA LEU B 231 -14.49 5.91 -20.49
C LEU B 231 -14.58 7.10 -19.52
N LYS B 232 -14.86 6.85 -18.24
CA LYS B 232 -14.91 7.89 -17.18
C LYS B 232 -13.51 8.50 -16.98
N THR B 233 -12.46 7.68 -16.95
CA THR B 233 -11.07 8.15 -16.74
C THR B 233 -10.68 9.10 -17.89
N ILE B 234 -11.02 8.73 -19.12
CA ILE B 234 -10.74 9.51 -20.37
C ILE B 234 -11.41 10.88 -20.26
N ASP B 235 -12.72 10.87 -19.97
CA ASP B 235 -13.58 12.07 -19.86
C ASP B 235 -13.01 13.06 -18.82
N GLU B 236 -12.95 12.64 -17.56
CA GLU B 236 -12.40 13.40 -16.40
C GLU B 236 -10.94 13.81 -16.71
N GLY B 237 -10.23 12.96 -17.48
CA GLY B 237 -8.84 13.18 -17.98
C GLY B 237 -8.73 14.40 -18.88
N ASP B 238 -9.86 14.89 -19.42
CA ASP B 238 -9.98 16.13 -20.24
C ASP B 238 -9.53 15.85 -21.68
N ALA B 239 -9.62 14.60 -22.15
CA ALA B 239 -9.49 14.22 -23.58
C ALA B 239 -10.53 14.98 -24.43
N ASP B 240 -10.25 15.18 -25.72
CA ASP B 240 -11.10 16.03 -26.62
C ASP B 240 -12.20 15.14 -27.22
N GLU B 241 -13.27 15.73 -27.75
CA GLU B 241 -14.51 14.97 -28.12
C GLU B 241 -14.19 13.92 -29.20
N VAL B 242 -13.31 14.23 -30.15
CA VAL B 242 -12.89 13.31 -31.25
C VAL B 242 -12.31 12.01 -30.65
N THR B 243 -11.44 12.15 -29.65
CA THR B 243 -10.79 11.03 -28.91
C THR B 243 -11.88 10.22 -28.17
N LYS B 244 -12.75 10.89 -27.41
CA LYS B 244 -13.88 10.25 -26.68
C LYS B 244 -14.78 9.44 -27.62
N GLU B 245 -15.30 10.03 -28.70
CA GLU B 245 -16.27 9.32 -29.56
C GLU B 245 -15.49 8.22 -30.30
N ARG B 246 -14.20 8.46 -30.53
CA ARG B 246 -13.31 7.56 -31.29
C ARG B 246 -13.18 6.18 -30.63
N ILE B 247 -13.25 6.07 -29.31
CA ILE B 247 -13.14 4.75 -28.62
C ILE B 247 -14.48 3.99 -28.77
N HIS B 248 -15.31 4.35 -29.78
CA HIS B 248 -16.41 3.52 -30.35
C HIS B 248 -16.85 4.05 -31.74
N ASP B 249 -15.91 4.43 -32.61
CA ASP B 249 -16.15 4.90 -34.01
C ASP B 249 -15.46 3.92 -34.97
N HIS B 250 -14.17 3.65 -34.71
CA HIS B 250 -13.47 2.37 -35.04
C HIS B 250 -13.62 1.45 -33.81
N LYS B 251 -12.80 0.39 -33.72
CA LYS B 251 -12.52 -0.31 -32.43
C LYS B 251 -11.00 -0.39 -32.22
N GLU B 252 -10.36 0.75 -31.96
CA GLU B 252 -8.91 0.84 -31.67
C GLU B 252 -8.66 0.33 -30.25
N LYS B 253 -7.38 0.18 -29.93
CA LYS B 253 -6.88 -0.25 -28.59
C LYS B 253 -6.26 0.98 -27.91
N PRO B 254 -6.98 1.70 -27.02
CA PRO B 254 -6.40 2.81 -26.26
C PRO B 254 -5.48 2.28 -25.15
N GLY B 255 -4.25 2.77 -25.05
CA GLY B 255 -3.26 2.22 -24.09
C GLY B 255 -3.11 3.05 -22.83
N ALA B 256 -2.79 4.34 -22.97
CA ALA B 256 -2.37 5.19 -21.85
C ALA B 256 -2.83 6.63 -22.04
N LEU B 257 -3.16 7.25 -20.91
CA LEU B 257 -3.52 8.68 -20.77
C LEU B 257 -2.33 9.46 -20.26
N TRP B 258 -1.85 10.38 -21.09
CA TRP B 258 -0.72 11.26 -20.79
C TRP B 258 -1.25 12.66 -20.43
N HIS B 259 -0.58 13.37 -19.54
CA HIS B 259 -0.64 14.86 -19.44
C HIS B 259 0.77 15.40 -19.63
N ILE B 260 0.97 16.29 -20.59
CA ILE B 260 2.29 16.91 -20.90
C ILE B 260 2.17 18.43 -20.73
N TYR B 261 3.18 19.09 -20.17
CA TYR B 261 3.25 20.55 -19.92
C TYR B 261 4.47 21.12 -20.67
N ALA B 262 4.35 22.34 -21.20
CA ALA B 262 5.48 23.07 -21.83
C ALA B 262 6.69 23.22 -20.88
N ALA B 263 7.93 23.09 -21.41
CA ALA B 263 9.17 23.28 -20.64
C ALA B 263 9.14 24.63 -19.90
N LYS B 264 8.56 25.67 -20.51
CA LYS B 264 8.59 27.04 -19.90
C LYS B 264 7.61 27.14 -18.74
N ASP B 265 6.75 26.13 -18.50
CA ASP B 265 5.75 26.14 -17.40
C ASP B 265 6.23 25.33 -16.18
N ALA B 266 7.42 24.74 -16.19
CA ALA B 266 7.91 23.83 -15.15
C ALA B 266 7.92 24.57 -13.80
N GLU B 267 8.38 25.81 -13.75
CA GLU B 267 8.62 26.53 -12.45
C GLU B 267 7.27 26.90 -11.79
N LYS B 268 6.26 27.29 -12.58
CA LYS B 268 4.87 27.50 -12.12
C LYS B 268 4.32 26.20 -11.52
N ILE B 269 4.59 25.04 -12.15
CA ILE B 269 4.16 23.72 -11.59
C ILE B 269 4.84 23.50 -10.23
N ARG B 270 6.14 23.82 -10.12
CA ARG B 270 6.89 23.64 -8.84
C ARG B 270 6.26 24.54 -7.76
N GLU B 271 5.90 25.76 -8.12
CA GLU B 271 5.29 26.74 -7.17
C GLU B 271 4.00 26.15 -6.60
N LEU B 272 3.11 25.61 -7.46
CA LEU B 272 1.84 24.97 -7.02
C LEU B 272 2.14 23.84 -6.03
N LEU B 273 2.95 22.86 -6.42
CA LEU B 273 3.18 21.63 -5.62
C LEU B 273 3.98 21.93 -4.33
N ARG B 274 4.78 23.01 -4.28
CA ARG B 274 5.43 23.48 -3.02
C ARG B 274 4.32 23.92 -2.05
N LYS B 275 3.28 24.57 -2.55
CA LYS B 275 2.16 25.08 -1.73
C LYS B 275 1.31 23.89 -1.25
N VAL B 276 0.86 23.02 -2.17
CA VAL B 276 -0.04 21.89 -1.84
C VAL B 276 0.63 20.98 -0.82
N GLY B 277 1.94 20.75 -0.96
CA GLY B 277 2.72 19.92 -0.03
C GLY B 277 2.73 20.54 1.36
N GLU B 278 2.88 21.87 1.44
CA GLU B 278 2.79 22.65 2.72
C GLU B 278 1.42 22.35 3.35
N GLU B 279 0.35 22.57 2.59
CA GLU B 279 -1.06 22.33 3.02
C GLU B 279 -1.24 20.87 3.50
N GLN B 280 -0.47 19.92 2.99
CA GLN B 280 -0.65 18.47 3.31
C GLN B 280 0.27 18.02 4.46
N GLY B 281 1.10 18.91 5.03
CA GLY B 281 1.90 18.59 6.22
C GLY B 281 3.38 18.46 5.92
N GLN B 282 3.76 18.17 4.68
CA GLN B 282 5.18 18.00 4.27
C GLN B 282 6.00 19.19 4.83
N GLU B 283 7.20 18.93 5.32
CA GLU B 283 8.19 19.94 5.77
C GLU B 283 9.35 19.99 4.77
N ASN B 284 9.30 20.91 3.80
CA ASN B 284 10.23 20.98 2.64
C ASN B 284 10.88 22.36 2.63
N PRO B 285 12.21 22.48 2.37
CA PRO B 285 12.85 23.78 2.15
C PRO B 285 12.23 24.52 0.97
N PRO B 286 12.40 25.86 0.85
CA PRO B 286 11.74 26.63 -0.22
C PRO B 286 12.41 26.42 -1.59
N ASP B 287 13.60 25.81 -1.59
CA ASP B 287 14.39 25.37 -2.79
C ASP B 287 13.79 24.09 -3.40
N HIS B 288 13.13 23.28 -2.58
CA HIS B 288 12.68 21.89 -2.87
C HIS B 288 12.11 21.76 -4.30
N ASP B 289 12.41 20.65 -4.99
CA ASP B 289 11.99 20.47 -6.42
C ASP B 289 11.04 19.28 -6.49
N PRO B 290 9.70 19.54 -6.49
CA PRO B 290 8.68 18.51 -6.55
C PRO B 290 8.62 17.71 -7.88
N ILE B 291 9.14 18.29 -8.97
CA ILE B 291 9.25 17.58 -10.27
C ILE B 291 10.42 16.58 -10.20
N HIS B 292 11.59 17.00 -9.70
CA HIS B 292 12.73 16.09 -9.42
C HIS B 292 12.28 14.96 -8.50
N ASP B 293 11.39 15.23 -7.54
CA ASP B 293 10.98 14.20 -6.54
C ASP B 293 10.22 13.04 -7.17
N GLN B 294 9.57 13.21 -8.35
CA GLN B 294 8.81 12.14 -9.05
C GLN B 294 7.78 11.51 -8.10
N SER B 295 7.12 12.29 -7.25
CA SER B 295 6.22 11.77 -6.18
C SER B 295 4.76 12.17 -6.40
N TRP B 296 4.46 13.06 -7.35
CA TRP B 296 3.12 13.63 -7.61
C TRP B 296 2.47 13.04 -8.86
N TYR B 297 1.15 12.82 -8.79
CA TYR B 297 0.29 12.64 -9.97
C TYR B 297 -0.78 13.73 -9.93
N LEU B 298 -0.86 14.58 -10.95
CA LEU B 298 -1.87 15.66 -11.01
C LEU B 298 -3.23 15.06 -11.38
N ASP B 299 -4.08 14.87 -10.35
CA ASP B 299 -5.48 14.40 -10.51
C ASP B 299 -6.34 15.56 -11.01
N GLN B 300 -7.64 15.35 -11.23
CA GLN B 300 -8.51 16.38 -11.85
C GLN B 300 -8.52 17.65 -10.99
N THR B 301 -8.48 17.50 -9.66
CA THR B 301 -8.47 18.64 -8.70
C THR B 301 -7.21 19.48 -8.94
N LEU B 302 -6.05 18.84 -8.99
CA LEU B 302 -4.77 19.59 -9.10
C LEU B 302 -4.65 20.22 -10.50
N ARG B 303 -5.04 19.52 -11.57
CA ARG B 303 -5.00 20.09 -12.96
C ARG B 303 -5.87 21.35 -13.05
N LYS B 304 -7.09 21.34 -12.48
CA LYS B 304 -7.98 22.53 -12.49
C LYS B 304 -7.32 23.70 -11.74
N ARG B 305 -6.78 23.47 -10.54
CA ARG B 305 -6.11 24.48 -9.70
C ARG B 305 -4.87 25.05 -10.42
N LEU B 306 -4.06 24.20 -11.08
CA LEU B 306 -2.89 24.66 -11.90
C LEU B 306 -3.38 25.65 -12.96
N TYR B 307 -4.47 25.36 -13.66
CA TYR B 307 -5.02 26.24 -14.71
C TYR B 307 -5.50 27.58 -14.10
N GLU B 308 -6.40 27.48 -13.12
N GLU B 308 -6.38 27.51 -13.10
CA GLU B 308 -7.05 28.62 -12.41
CA GLU B 308 -7.03 28.71 -12.50
C GLU B 308 -5.99 29.56 -11.82
C GLU B 308 -6.00 29.60 -11.81
N GLU B 309 -5.14 29.04 -10.94
CA GLU B 309 -4.18 29.86 -10.15
C GLU B 309 -2.97 30.31 -10.99
N TYR B 310 -2.53 29.57 -12.02
CA TYR B 310 -1.23 29.88 -12.67
C TYR B 310 -1.35 30.05 -14.20
N GLY B 311 -2.52 29.78 -14.78
CA GLY B 311 -2.77 29.94 -16.22
C GLY B 311 -2.18 28.82 -17.08
N VAL B 312 -1.79 27.68 -16.49
CA VAL B 312 -1.05 26.59 -17.22
C VAL B 312 -2.03 25.49 -17.66
N GLN B 313 -2.10 25.19 -18.95
CA GLN B 313 -3.15 24.31 -19.52
C GLN B 313 -2.67 22.85 -19.70
N GLY B 314 -1.58 22.62 -20.42
CA GLY B 314 -1.15 21.21 -20.71
C GLY B 314 -1.94 20.52 -21.82
N TRP B 315 -1.39 19.42 -22.33
CA TRP B 315 -1.95 18.56 -23.40
C TRP B 315 -2.40 17.23 -22.79
N ALA B 316 -3.68 16.89 -22.87
CA ALA B 316 -4.24 15.56 -22.48
C ALA B 316 -4.27 14.68 -23.72
N ILE B 317 -3.43 13.64 -23.74
CA ILE B 317 -3.23 12.75 -24.93
C ILE B 317 -3.57 11.29 -24.59
N VAL B 318 -4.37 10.65 -25.43
CA VAL B 318 -4.60 9.18 -25.39
C VAL B 318 -3.71 8.54 -26.45
N GLN B 319 -2.76 7.72 -25.98
CA GLN B 319 -1.80 6.97 -26.83
C GLN B 319 -2.40 5.59 -27.13
N PHE B 320 -2.79 5.36 -28.39
CA PHE B 320 -3.33 4.08 -28.90
C PHE B 320 -2.18 3.21 -29.42
N LEU B 321 -2.46 1.95 -29.72
CA LEU B 321 -1.50 1.02 -30.35
C LEU B 321 -0.90 1.69 -31.61
N GLY B 322 0.42 1.74 -31.67
CA GLY B 322 1.23 2.23 -32.81
C GLY B 322 1.44 3.74 -32.78
N ASP B 323 0.93 4.45 -31.75
CA ASP B 323 1.14 5.92 -31.64
C ASP B 323 2.53 6.19 -31.04
N ALA B 324 3.30 7.08 -31.69
CA ALA B 324 4.57 7.62 -31.22
C ALA B 324 4.35 9.03 -30.69
N VAL B 325 4.73 9.26 -29.44
CA VAL B 325 4.62 10.57 -28.75
C VAL B 325 6.00 11.21 -28.64
N PHE B 326 6.19 12.34 -29.31
CA PHE B 326 7.42 13.17 -29.25
C PHE B 326 7.33 14.13 -28.07
N ILE B 327 8.31 14.03 -27.15
CA ILE B 327 8.36 14.73 -25.81
C ILE B 327 9.55 15.71 -25.83
N PRO B 328 9.32 17.05 -25.84
CA PRO B 328 10.42 18.02 -25.74
C PRO B 328 11.26 17.88 -24.46
N ALA B 329 12.59 18.00 -24.58
CA ALA B 329 13.49 18.10 -23.43
C ALA B 329 12.88 19.10 -22.39
N GLY B 330 12.77 18.67 -21.13
CA GLY B 330 12.34 19.56 -20.02
C GLY B 330 10.83 19.71 -19.93
N ALA B 331 10.02 19.17 -20.85
CA ALA B 331 8.54 19.24 -20.77
C ALA B 331 8.08 18.25 -19.67
N PRO B 332 7.54 18.72 -18.52
CA PRO B 332 7.03 17.80 -17.49
C PRO B 332 5.87 16.94 -18.03
N HIS B 333 5.81 15.69 -17.60
CA HIS B 333 4.80 14.73 -18.07
C HIS B 333 4.58 13.63 -17.03
N GLN B 334 3.38 13.06 -17.10
CA GLN B 334 2.88 11.95 -16.25
C GLN B 334 2.14 10.97 -17.16
N VAL B 335 2.14 9.68 -16.83
CA VAL B 335 1.41 8.66 -17.60
C VAL B 335 0.53 7.77 -16.68
N HIS B 336 -0.65 7.47 -17.18
CA HIS B 336 -1.69 6.61 -16.50
C HIS B 336 -2.14 5.51 -17.44
N ASN B 337 -1.68 4.25 -17.28
CA ASN B 337 -2.07 3.17 -18.22
C ASN B 337 -3.54 2.80 -18.01
N LEU B 338 -4.33 2.79 -19.09
CA LEU B 338 -5.76 2.40 -19.12
C LEU B 338 -5.89 0.88 -19.22
N TYR B 339 -4.97 0.23 -19.91
CA TYR B 339 -4.82 -1.24 -20.08
C TYR B 339 -3.33 -1.58 -19.92
N SER B 340 -2.98 -2.87 -19.94
CA SER B 340 -1.57 -3.32 -19.85
C SER B 340 -0.85 -2.83 -21.12
N CYS B 341 0.30 -2.18 -20.99
CA CYS B 341 1.06 -1.60 -22.15
C CYS B 341 2.52 -2.08 -22.21
N ILE B 342 3.00 -2.33 -23.42
CA ILE B 342 4.43 -2.39 -23.78
C ILE B 342 4.79 -1.12 -24.58
N LYS B 343 5.64 -0.26 -24.04
CA LYS B 343 6.13 0.95 -24.79
C LYS B 343 7.66 0.88 -24.90
N VAL B 344 8.25 1.43 -25.98
CA VAL B 344 9.72 1.52 -26.15
C VAL B 344 10.04 2.95 -26.59
N ALA B 345 11.05 3.55 -25.96
CA ALA B 345 11.40 4.98 -26.16
C ALA B 345 12.87 5.13 -26.53
N GLU B 346 13.17 6.17 -27.32
CA GLU B 346 14.57 6.46 -27.75
C GLU B 346 14.82 7.94 -27.50
N ASP B 347 15.91 8.26 -26.82
CA ASP B 347 16.33 9.67 -26.57
C ASP B 347 17.12 10.18 -27.79
N PHE B 348 17.08 11.47 -28.00
CA PHE B 348 17.84 12.16 -29.09
C PHE B 348 18.07 13.63 -28.70
N VAL B 349 18.87 14.39 -29.48
CA VAL B 349 19.08 15.85 -29.24
C VAL B 349 18.79 16.61 -30.54
N SER B 350 17.68 17.38 -30.58
CA SER B 350 17.39 18.26 -31.76
C SER B 350 18.11 19.61 -31.64
N PRO B 351 18.50 20.24 -32.78
CA PRO B 351 19.04 21.60 -32.75
C PRO B 351 18.10 22.64 -32.09
N GLU B 352 16.80 22.48 -32.25
CA GLU B 352 15.74 23.40 -31.73
C GLU B 352 15.87 23.47 -30.20
N HIS B 353 16.30 22.37 -29.54
CA HIS B 353 16.27 22.21 -28.07
C HIS B 353 17.68 22.08 -27.47
N VAL B 354 18.73 22.39 -28.22
CA VAL B 354 20.11 22.16 -27.68
C VAL B 354 20.40 23.06 -26.48
N LYS B 355 19.89 24.27 -26.45
CA LYS B 355 20.11 25.20 -25.30
C LYS B 355 19.41 24.63 -24.05
N HIS B 356 18.18 24.13 -24.21
CA HIS B 356 17.46 23.41 -23.11
C HIS B 356 18.28 22.23 -22.56
N CYS B 357 18.79 21.35 -23.43
CA CYS B 357 19.57 20.17 -23.06
C CYS B 357 20.80 20.57 -22.20
N PHE B 358 21.48 21.70 -22.51
CA PHE B 358 22.65 22.19 -21.71
C PHE B 358 22.18 22.59 -20.30
N ARG B 359 21.15 23.40 -20.21
CA ARG B 359 20.64 23.97 -18.92
C ARG B 359 20.07 22.83 -18.06
N LEU B 360 19.36 21.87 -18.68
CA LEU B 360 18.76 20.75 -17.91
C LEU B 360 19.84 19.82 -17.39
N THR B 361 20.92 19.57 -18.17
CA THR B 361 22.05 18.73 -17.75
C THR B 361 22.70 19.43 -16.52
N GLN B 362 22.92 20.75 -16.62
CA GLN B 362 23.55 21.56 -15.53
C GLN B 362 22.68 21.39 -14.24
N GLU B 363 21.38 21.56 -14.37
CA GLU B 363 20.43 21.52 -13.22
C GLU B 363 20.41 20.08 -12.68
N PHE B 364 20.51 19.05 -13.53
CA PHE B 364 20.48 17.63 -13.08
C PHE B 364 21.65 17.38 -12.14
N ARG B 365 22.87 17.77 -12.56
CA ARG B 365 24.15 17.64 -11.81
C ARG B 365 24.04 18.40 -10.48
N HIS B 366 23.47 19.61 -10.47
CA HIS B 366 23.23 20.41 -9.24
C HIS B 366 22.32 19.63 -8.25
N LEU B 367 21.20 19.07 -8.72
CA LEU B 367 20.20 18.35 -7.88
C LEU B 367 20.81 17.05 -7.35
N SER B 368 21.81 16.49 -8.05
CA SER B 368 22.53 15.23 -7.72
C SER B 368 23.32 15.36 -6.41
N ASN B 369 24.14 16.42 -6.26
CA ASN B 369 25.01 16.67 -5.08
C ASN B 369 24.69 18.04 -4.47
#